data_9BHX
#
_entry.id   9BHX
#
_cell.length_a   1.00
_cell.length_b   1.00
_cell.length_c   1.00
_cell.angle_alpha   90.00
_cell.angle_beta   90.00
_cell.angle_gamma   90.00
#
_symmetry.space_group_name_H-M   'P 1'
#
_entity_poly.entity_id   1
_entity_poly.type   'polypeptide(L)'
_entity_poly.pdbx_seq_one_letter_code
;HHHHHHHHGSSTSNIEGRSRVTRDCVQRCIVEEDLFLDEFGIQCEKADNGEKCYKTRCTKGCAQWYRALKELESCQEACL
SLQFYPYDMPCIGACEMAQRDYWHLQRLAISHLVERTQPQLERAPRADGQSTPLTIRWAMHFPEHYLASRPFNIQYQFVD
HHGEELDLEQEDQDASGETGSSAWFNLADYDCDEYYVCEILEALIPYTQYRFRFELPFGENRDEVLYSPATPAYQTPPEG
APISAPVIEHLMGLDDSHLAVHWHPGRFTNGPIEGYRLRLSSSEGNATSEQLVPAGRGSYIFSQLQAGTNYTLALSMINK
QGEGPVAKGFVQTHSARNEKPAKDLTESVLLVGRRAVMWQSLEPAGENSMIYQSQEELADIAWSKREQQLWLLNVHGELR
SLKFESGQMVSPAQQLKLDLGNISSGRWVPRRLSFDWLHHRLYFAMESPERNQSSFQIISTDLLGESAQKVGESFDLPVE
QLEVDALNGWIFWRNEESLWRQDLHGRMIHRLLRIRQPGWFLVQPQHFIIHLMLPQEGKFLEISYDGGFKHPLPLPPPSN
GAGNGPASSHWQSFALLGRSLLLPDSGQLILVEQQGQAASPSASWPLKNLPDCWAVILLVPESQPLTSAGGKPHSLKALL
GAQAAKISWKEPERNPYQSADAARSWSYELEVLDVASQSAFSIRNIRGPIFGLQRLQPDNLYQLRVRAINVDGEPGEWTE
PLAARTWPLGPHRLRWASRQGSVIHTNELGEGLEVQQEQLERLPGPMTMVNESVGYYVTGDGLLHCINLVHSQWGCPISE
PLQHVGSVTYDWRGGRVYWTDLARNCVVRMDPWSGSRELLPVFEANFLALDPRQGHLYYATSSQLSRHGSTPDEAVTYYR
VNGLEGSIASFVLDTQQDQLFWLVKGSGALRLYRAPLTAGGDSLQMIQQIKGVFQAVPDSLQLLRPLGALLWLERSGRRA
RLVRLAAPLDVMELPTPDQASPASALQLLDPQPLPPRDEGVIPMTVLPDSVRLDDGHWDDFHVRWQPSTSGGNHSVSYRL
LLEFGQRLQTLDLSTPFARLTQLPQAQLQLKISITPRTAWRSGDTTRVQLTTPPVAPSQPRRLRVFVERLATALQEANVS
AVLRWDAPEQGQEAPMQALEYHISCWVGSELHEELRLNQSALEARVEHLQPDQTYHFQVEARVAATGAAAGAASHALHVA
PEVQAVPRVLYANAEFIGELDLDTRNRRRLVHTASPVEHLVGIEGEQRLLWVNEHVELLTHVPGSAPAKLARMRAEVLAL
AVDWIQRIVYWAELDATAPQAAIIYRLDLCNFEGKILQGERVWSTPRGRLLKDLVALPQAQSLIWLEYEQGSPRNGSLRG
RNLTDGSELEWATVQPLIRLHAGSLEPGSETLNLVDNQGKLCVYDVARQLCTASALRAQLNLLGEDSIAGQLAQDSGYLY
AVKNWSIRAYGRRRQQLEYTVELEPEEVRLLQAHNYQAYPPKNCLLLPSSGGSLLKATDCEEQRCLLNLPMITASEDCPL
PIPGVRYQLNLTLARGPGSEEHDHGVEPLGQWLLGAGESLNLTDLLPFTRYRVSGILSSFYQKKLALPTLVLAPLELLTA
SATDYKDDDDK
;
_entity_poly.pdbx_strand_id   A
#
# COMPACT_ATOMS: atom_id res chain seq x y z
N ARG A 20 -10.41 -46.08 -12.41
CA ARG A 20 -11.39 -45.02 -12.66
C ARG A 20 -10.79 -43.92 -13.52
N VAL A 21 -9.48 -43.70 -13.36
CA VAL A 21 -8.77 -42.70 -14.14
C VAL A 21 -8.10 -43.28 -15.38
N THR A 22 -7.94 -44.61 -15.44
CA THR A 22 -7.33 -45.22 -16.61
C THR A 22 -8.18 -45.00 -17.86
N ARG A 23 -9.51 -45.03 -17.70
CA ARG A 23 -10.40 -44.70 -18.81
C ARG A 23 -10.13 -43.29 -19.32
N ASP A 24 -9.90 -42.35 -18.41
CA ASP A 24 -9.55 -41.00 -18.81
C ASP A 24 -8.23 -40.98 -19.59
N CYS A 25 -7.25 -41.77 -19.16
CA CYS A 25 -5.99 -41.84 -19.88
C CYS A 25 -6.21 -42.34 -21.30
N VAL A 26 -6.98 -43.42 -21.46
CA VAL A 26 -7.17 -43.99 -22.78
C VAL A 26 -7.95 -43.03 -23.67
N GLN A 27 -8.97 -42.37 -23.13
CA GLN A 27 -9.75 -41.45 -23.95
C GLN A 27 -8.93 -40.22 -24.36
N ARG A 28 -8.14 -39.68 -23.44
CA ARG A 28 -7.26 -38.56 -23.78
C ARG A 28 -6.20 -39.00 -24.79
N CYS A 29 -5.72 -40.23 -24.67
CA CYS A 29 -4.74 -40.75 -25.62
C CYS A 29 -5.32 -40.86 -27.01
N ILE A 30 -6.50 -41.47 -27.14
CA ILE A 30 -7.09 -41.65 -28.47
C ILE A 30 -7.50 -40.30 -29.05
N VAL A 31 -7.91 -39.35 -28.21
CA VAL A 31 -8.22 -38.02 -28.72
C VAL A 31 -6.96 -37.31 -29.19
N GLU A 32 -5.87 -37.42 -28.43
CA GLU A 32 -4.64 -36.68 -28.67
C GLU A 32 -3.58 -37.53 -29.36
N GLU A 33 -3.95 -38.69 -29.90
CA GLU A 33 -2.96 -39.56 -30.54
C GLU A 33 -2.33 -38.88 -31.75
N ASP A 34 -3.15 -38.29 -32.61
CA ASP A 34 -2.67 -37.61 -33.81
C ASP A 34 -2.51 -36.11 -33.59
N LEU A 35 -2.89 -35.58 -32.42
CA LEU A 35 -2.67 -34.17 -32.15
C LEU A 35 -1.19 -33.84 -31.97
N PHE A 36 -0.40 -34.81 -31.52
CA PHE A 36 1.05 -34.64 -31.38
C PHE A 36 1.72 -35.26 -32.60
N LEU A 37 2.42 -34.44 -33.38
CA LEU A 37 3.23 -34.92 -34.49
C LEU A 37 4.67 -34.96 -33.99
N ASP A 38 5.11 -36.14 -33.56
CA ASP A 38 6.42 -36.27 -32.95
C ASP A 38 7.51 -35.99 -33.98
N GLU A 39 8.64 -35.49 -33.48
CA GLU A 39 9.77 -35.14 -34.34
C GLU A 39 10.50 -36.35 -34.90
N PHE A 40 10.24 -37.55 -34.39
CA PHE A 40 10.95 -38.74 -34.86
C PHE A 40 10.32 -39.35 -36.10
N GLY A 41 9.22 -38.80 -36.60
CA GLY A 41 8.59 -39.34 -37.79
C GLY A 41 7.76 -40.57 -37.57
N ILE A 42 7.29 -40.81 -36.35
CA ILE A 42 6.42 -41.94 -36.04
C ILE A 42 4.98 -41.49 -36.19
N GLN A 43 4.20 -42.21 -37.00
CA GLN A 43 2.84 -41.80 -37.29
C GLN A 43 1.92 -43.02 -37.21
N CYS A 44 0.94 -42.95 -36.32
CA CYS A 44 -0.09 -43.97 -36.18
C CYS A 44 -1.35 -43.50 -36.91
N GLU A 45 -1.89 -44.38 -37.75
CA GLU A 45 -3.24 -44.17 -38.28
C GLU A 45 -4.23 -44.88 -37.36
N LYS A 46 -5.52 -44.75 -37.66
CA LYS A 46 -6.53 -45.39 -36.84
C LYS A 46 -6.48 -46.91 -36.99
N ALA A 47 -6.76 -47.61 -35.90
CA ALA A 47 -6.74 -49.08 -35.85
C ALA A 47 -5.37 -49.66 -36.18
N ASP A 48 -4.31 -48.89 -35.98
CA ASP A 48 -2.94 -49.37 -36.18
C ASP A 48 -2.42 -49.93 -34.87
N ASN A 49 -1.85 -51.13 -34.93
CA ASN A 49 -1.39 -51.85 -33.74
C ASN A 49 0.13 -51.79 -33.57
N GLY A 50 0.79 -50.78 -34.14
CA GLY A 50 2.21 -50.60 -33.95
C GLY A 50 2.58 -50.34 -32.51
N GLU A 51 3.51 -51.14 -31.96
CA GLU A 51 3.84 -51.08 -30.55
C GLU A 51 4.85 -49.99 -30.20
N LYS A 52 5.46 -49.35 -31.19
CA LYS A 52 6.51 -48.36 -30.96
C LYS A 52 5.98 -46.94 -30.89
N CYS A 53 4.68 -46.77 -30.87
CA CYS A 53 4.04 -45.49 -31.16
C CYS A 53 3.38 -44.91 -29.91
N TYR A 54 2.69 -43.78 -30.09
CA TYR A 54 2.25 -42.98 -28.96
C TYR A 54 1.25 -43.73 -28.07
N LYS A 55 0.27 -44.39 -28.68
CA LYS A 55 -0.81 -44.97 -27.88
C LYS A 55 -0.28 -46.08 -26.97
N THR A 56 0.66 -46.88 -27.44
CA THR A 56 1.23 -47.94 -26.62
C THR A 56 2.01 -47.35 -25.44
N ARG A 57 2.81 -46.32 -25.69
CA ARG A 57 3.57 -45.70 -24.62
C ARG A 57 2.65 -45.06 -23.58
N CYS A 58 1.58 -44.40 -24.03
CA CYS A 58 0.64 -43.80 -23.09
C CYS A 58 -0.10 -44.86 -22.27
N THR A 59 -0.50 -45.95 -22.92
CA THR A 59 -1.14 -47.04 -22.18
C THR A 59 -0.20 -47.64 -21.15
N LYS A 60 1.08 -47.82 -21.52
CA LYS A 60 2.06 -48.30 -20.55
C LYS A 60 2.20 -47.30 -19.41
N GLY A 61 2.17 -46.00 -19.71
CA GLY A 61 2.31 -44.99 -18.67
C GLY A 61 1.18 -45.05 -17.67
N CYS A 62 -0.06 -45.11 -18.14
CA CYS A 62 -1.18 -45.17 -17.22
C CYS A 62 -1.51 -46.59 -16.76
N ALA A 63 -0.74 -47.58 -17.17
CA ALA A 63 -0.76 -48.88 -16.52
C ALA A 63 0.26 -48.98 -15.40
N GLN A 64 1.40 -48.30 -15.54
CA GLN A 64 2.43 -48.27 -14.51
C GLN A 64 2.29 -47.10 -13.55
N TRP A 65 1.35 -46.19 -13.79
CA TRP A 65 1.23 -45.01 -12.94
C TRP A 65 0.88 -45.37 -11.50
N TYR A 66 -0.03 -46.33 -11.31
CA TYR A 66 -0.39 -46.73 -9.96
C TYR A 66 0.72 -47.54 -9.32
N ARG A 67 1.36 -48.43 -10.09
CA ARG A 67 2.49 -49.19 -9.57
C ARG A 67 3.62 -48.26 -9.16
N ALA A 68 3.88 -47.22 -9.97
CA ALA A 68 4.86 -46.23 -9.58
C ALA A 68 4.44 -45.50 -8.31
N LEU A 69 3.15 -45.21 -8.16
CA LEU A 69 2.67 -44.52 -6.97
C LEU A 69 2.65 -45.42 -5.73
N LYS A 70 2.81 -46.73 -5.90
CA LYS A 70 2.98 -47.60 -4.74
C LYS A 70 4.13 -47.11 -3.87
N GLU A 71 5.29 -46.92 -4.48
CA GLU A 71 6.50 -46.44 -3.81
C GLU A 71 6.74 -44.95 -4.08
N LEU A 72 5.89 -44.31 -4.88
CA LEU A 72 5.99 -42.90 -5.24
C LEU A 72 7.37 -42.55 -5.81
N GLU A 73 7.66 -43.18 -6.95
CA GLU A 73 8.86 -42.87 -7.73
C GLU A 73 8.53 -41.85 -8.81
N SER A 74 9.59 -41.22 -9.33
CA SER A 74 9.40 -40.23 -10.38
C SER A 74 8.91 -40.89 -11.65
N CYS A 75 8.01 -40.20 -12.36
CA CYS A 75 7.46 -40.75 -13.59
C CYS A 75 8.56 -40.97 -14.63
N GLN A 76 9.52 -40.05 -14.69
CA GLN A 76 10.61 -40.18 -15.66
C GLN A 76 11.39 -41.47 -15.45
N GLU A 77 11.78 -41.74 -14.22
CA GLU A 77 12.48 -42.99 -13.91
C GLU A 77 11.56 -44.19 -13.94
N ALA A 78 10.25 -43.98 -13.79
CA ALA A 78 9.31 -45.08 -13.91
C ALA A 78 9.02 -45.43 -15.36
N CYS A 79 9.36 -44.54 -16.29
CA CYS A 79 9.07 -44.72 -17.70
C CYS A 79 10.31 -45.14 -18.50
N LEU A 80 11.34 -45.64 -17.82
CA LEU A 80 12.49 -46.17 -18.53
C LEU A 80 12.11 -47.44 -19.28
N SER A 81 12.49 -47.49 -20.56
CA SER A 81 12.14 -48.61 -21.43
C SER A 81 13.40 -49.36 -21.81
N LEU A 82 13.37 -50.68 -21.67
CA LEU A 82 14.51 -51.52 -22.01
C LEU A 82 14.72 -51.64 -23.51
N GLN A 83 13.72 -51.27 -24.33
CA GLN A 83 13.84 -51.38 -25.77
C GLN A 83 13.50 -50.09 -26.52
N PHE A 84 13.09 -49.03 -25.84
CA PHE A 84 12.67 -47.78 -26.48
C PHE A 84 13.40 -46.60 -25.88
N TYR A 85 14.74 -46.69 -25.82
CA TYR A 85 15.55 -45.58 -25.33
C TYR A 85 15.32 -44.33 -26.16
N PRO A 86 15.66 -43.15 -25.61
CA PRO A 86 16.13 -42.87 -24.26
C PRO A 86 15.02 -42.45 -23.29
N TYR A 87 13.99 -41.78 -23.80
CA TYR A 87 12.95 -41.21 -22.96
C TYR A 87 11.59 -41.48 -23.60
N ASP A 88 10.66 -41.96 -22.78
CA ASP A 88 9.29 -42.18 -23.24
C ASP A 88 8.43 -40.98 -22.82
N MET A 89 8.59 -39.89 -23.56
CA MET A 89 7.89 -38.65 -23.23
C MET A 89 6.37 -38.83 -23.14
N PRO A 90 5.69 -39.53 -24.05
CA PRO A 90 4.27 -39.80 -23.81
C PRO A 90 4.01 -40.56 -22.51
N CYS A 91 4.90 -41.47 -22.14
CA CYS A 91 4.74 -42.17 -20.87
C CYS A 91 4.82 -41.22 -19.70
N ILE A 92 5.80 -40.29 -19.73
CA ILE A 92 5.93 -39.32 -18.65
C ILE A 92 4.70 -38.43 -18.59
N GLY A 93 4.22 -37.98 -19.75
CA GLY A 93 3.01 -37.17 -19.76
C GLY A 93 1.82 -37.90 -19.18
N ALA A 94 1.63 -39.16 -19.60
CA ALA A 94 0.51 -39.96 -19.11
C ALA A 94 0.60 -40.14 -17.61
N CYS A 95 1.79 -40.46 -17.11
CA CYS A 95 1.97 -40.63 -15.67
C CYS A 95 1.66 -39.35 -14.92
N GLU A 96 2.12 -38.21 -15.45
CA GLU A 96 1.95 -36.96 -14.71
C GLU A 96 0.49 -36.50 -14.71
N MET A 97 -0.21 -36.63 -15.85
CA MET A 97 -1.62 -36.29 -15.80
C MET A 97 -2.42 -37.29 -14.98
N ALA A 98 -1.97 -38.54 -14.92
CA ALA A 98 -2.59 -39.49 -14.00
C ALA A 98 -2.44 -39.02 -12.55
N GLN A 99 -1.24 -38.55 -12.19
CA GLN A 99 -1.04 -38.01 -10.85
C GLN A 99 -1.94 -36.80 -10.61
N ARG A 100 -2.04 -35.91 -11.59
CA ARG A 100 -2.85 -34.70 -11.43
C ARG A 100 -4.32 -35.05 -11.21
N ASP A 101 -4.86 -35.94 -12.05
CA ASP A 101 -6.26 -36.31 -11.91
C ASP A 101 -6.50 -37.07 -10.62
N TYR A 102 -5.57 -37.94 -10.23
CA TYR A 102 -5.70 -38.66 -8.97
C TYR A 102 -5.72 -37.70 -7.79
N TRP A 103 -4.84 -36.69 -7.82
CA TRP A 103 -4.80 -35.73 -6.72
C TRP A 103 -6.05 -34.88 -6.67
N HIS A 104 -6.59 -34.51 -7.84
CA HIS A 104 -7.86 -33.79 -7.86
C HIS A 104 -8.99 -34.65 -7.28
N LEU A 105 -9.02 -35.94 -7.64
CA LEU A 105 -10.05 -36.83 -7.11
C LEU A 105 -9.91 -36.99 -5.60
N GLN A 106 -8.68 -37.12 -5.10
CA GLN A 106 -8.47 -37.17 -3.66
C GLN A 106 -8.88 -35.87 -3.00
N ARG A 107 -8.68 -34.73 -3.67
CA ARG A 107 -9.13 -33.46 -3.11
C ARG A 107 -10.64 -33.45 -2.95
N LEU A 108 -11.37 -33.88 -3.98
CA LEU A 108 -12.82 -33.95 -3.86
C LEU A 108 -13.23 -34.92 -2.76
N ALA A 109 -12.57 -36.07 -2.67
CA ALA A 109 -12.92 -37.06 -1.65
C ALA A 109 -12.70 -36.52 -0.24
N ILE A 110 -11.52 -35.90 -0.01
CA ILE A 110 -11.21 -35.41 1.33
C ILE A 110 -12.09 -34.21 1.67
N SER A 111 -12.54 -33.47 0.66
CA SER A 111 -13.46 -32.37 0.93
C SER A 111 -14.87 -32.87 1.23
N HIS A 112 -15.27 -33.98 0.61
CA HIS A 112 -16.64 -34.47 0.78
C HIS A 112 -16.83 -35.32 2.03
N LEU A 113 -15.83 -36.11 2.41
CA LEU A 113 -15.98 -36.98 3.58
C LEU A 113 -16.02 -36.15 4.86
N VAL A 114 -14.94 -35.39 5.10
CA VAL A 114 -14.87 -34.49 6.30
C VAL A 114 -14.29 -33.14 5.86
N GLU A 115 -13.11 -32.77 6.35
CA GLU A 115 -12.43 -31.49 6.00
C GLU A 115 -13.07 -30.34 6.81
N ARG A 116 -13.93 -30.68 7.77
CA ARG A 116 -14.61 -29.64 8.59
C ARG A 116 -14.18 -29.83 10.05
N THR A 117 -12.87 -30.04 10.29
CA THR A 117 -12.38 -30.26 11.64
C THR A 117 -11.05 -29.54 11.82
N GLN A 118 -10.97 -28.67 12.81
CA GLN A 118 -9.80 -27.82 12.99
C GLN A 118 -8.84 -28.39 14.03
N PRO A 119 -7.54 -28.19 13.83
CA PRO A 119 -6.57 -28.55 14.89
C PRO A 119 -6.76 -27.67 16.11
N GLN A 120 -6.86 -28.33 17.27
CA GLN A 120 -7.22 -27.67 18.51
C GLN A 120 -6.16 -27.89 19.58
N LEU A 121 -6.24 -27.09 20.64
CA LEU A 121 -5.36 -27.20 21.80
C LEU A 121 -6.24 -27.20 23.04
N GLU A 122 -6.54 -28.38 23.59
CA GLU A 122 -7.38 -28.50 24.77
C GLU A 122 -6.59 -28.53 26.07
N ARG A 123 -5.39 -29.10 26.06
CA ARG A 123 -4.55 -29.17 27.25
C ARG A 123 -3.35 -28.26 27.07
N ALA A 124 -3.08 -27.45 28.10
CA ALA A 124 -2.07 -26.43 28.07
C ALA A 124 -0.82 -26.86 28.81
N PRO A 125 0.34 -26.23 28.53
CA PRO A 125 1.55 -26.51 29.31
C PRO A 125 1.32 -26.41 30.82
N ARG A 126 1.64 -27.48 31.53
CA ARG A 126 1.37 -27.57 32.96
C ARG A 126 2.52 -26.98 33.76
N ALA A 127 2.25 -26.76 35.05
CA ALA A 127 3.26 -26.33 36.01
C ALA A 127 3.89 -27.50 36.76
N ASP A 128 3.71 -28.72 36.26
CA ASP A 128 4.23 -29.93 36.90
C ASP A 128 5.67 -30.23 36.50
N GLY A 129 6.42 -29.24 36.03
CA GLY A 129 7.78 -29.44 35.59
C GLY A 129 7.92 -29.83 34.14
N GLN A 130 6.83 -29.88 33.38
CA GLN A 130 6.86 -30.24 31.96
C GLN A 130 6.65 -28.96 31.15
N SER A 131 7.70 -28.54 30.45
CA SER A 131 7.65 -27.34 29.61
C SER A 131 7.29 -27.74 28.17
N THR A 132 6.04 -28.19 28.02
CA THR A 132 5.56 -28.66 26.74
C THR A 132 4.95 -27.51 25.95
N PRO A 133 5.55 -27.10 24.83
CA PRO A 133 4.93 -26.05 24.02
C PRO A 133 3.74 -26.55 23.23
N LEU A 134 3.25 -25.70 22.31
CA LEU A 134 1.98 -25.92 21.62
C LEU A 134 1.74 -27.38 21.23
N THR A 135 0.57 -27.89 21.60
CA THR A 135 0.16 -29.26 21.30
C THR A 135 -1.13 -29.24 20.49
N ILE A 136 -1.21 -30.12 19.50
CA ILE A 136 -2.39 -30.23 18.64
C ILE A 136 -2.90 -31.66 18.70
N ARG A 137 -4.12 -31.83 19.19
CA ARG A 137 -4.78 -33.13 19.25
C ARG A 137 -5.96 -33.08 18.30
N TRP A 138 -5.78 -33.61 17.08
CA TRP A 138 -6.72 -33.42 16.00
C TRP A 138 -7.13 -34.78 15.46
N ALA A 139 -8.43 -34.90 15.15
CA ALA A 139 -9.05 -36.18 14.85
C ALA A 139 -8.32 -36.92 13.74
N MET A 140 -8.51 -38.25 13.72
CA MET A 140 -7.80 -39.15 12.81
C MET A 140 -8.84 -39.67 11.82
N HIS A 141 -8.91 -39.03 10.66
CA HIS A 141 -9.60 -39.55 9.48
C HIS A 141 -8.66 -39.36 8.30
N PHE A 142 -7.77 -40.34 8.09
CA PHE A 142 -6.80 -40.27 7.01
C PHE A 142 -6.58 -41.66 6.43
N PRO A 143 -6.35 -41.76 5.13
CA PRO A 143 -5.95 -43.04 4.53
C PRO A 143 -4.45 -43.25 4.60
N GLU A 144 -3.97 -44.34 4.01
CA GLU A 144 -2.57 -44.69 3.97
C GLU A 144 -1.85 -43.76 2.98
N HIS A 145 -0.52 -43.86 2.94
CA HIS A 145 0.35 -43.10 2.05
C HIS A 145 0.40 -41.62 2.43
N TYR A 146 -0.73 -40.91 2.30
CA TYR A 146 -0.77 -39.49 2.56
C TYR A 146 -0.68 -39.16 4.05
N LEU A 147 -0.74 -40.15 4.93
CA LEU A 147 -0.76 -39.89 6.37
C LEU A 147 0.64 -39.57 6.89
N ALA A 148 1.57 -40.51 6.75
CA ALA A 148 2.89 -40.40 7.37
C ALA A 148 3.97 -39.93 6.41
N SER A 149 4.14 -40.60 5.26
CA SER A 149 5.21 -40.25 4.35
C SER A 149 5.01 -38.92 3.65
N ARG A 150 3.79 -38.39 3.67
CA ARG A 150 3.51 -37.12 3.00
C ARG A 150 3.97 -35.96 3.87
N PRO A 151 4.88 -35.12 3.39
CA PRO A 151 5.27 -33.93 4.15
C PRO A 151 4.38 -32.74 3.84
N PHE A 152 4.40 -31.76 4.74
CA PHE A 152 3.61 -30.56 4.58
C PHE A 152 4.23 -29.45 5.43
N ASN A 153 3.62 -28.27 5.36
CA ASN A 153 4.08 -27.10 6.06
C ASN A 153 2.96 -26.51 6.90
N ILE A 154 3.34 -25.80 7.95
CA ILE A 154 2.40 -25.16 8.88
C ILE A 154 2.74 -23.69 8.95
N GLN A 155 1.74 -22.83 8.71
CA GLN A 155 1.92 -21.39 8.77
C GLN A 155 1.04 -20.81 9.85
N TYR A 156 1.52 -19.75 10.48
CA TYR A 156 0.79 -19.10 11.57
C TYR A 156 0.28 -17.74 11.12
N GLN A 157 -0.90 -17.39 11.62
CA GLN A 157 -1.60 -16.17 11.22
C GLN A 157 -1.40 -15.12 12.29
N PHE A 158 -1.03 -13.91 11.85
CA PHE A 158 -0.83 -12.79 12.76
C PHE A 158 -2.16 -12.11 13.02
N VAL A 159 -2.46 -11.85 14.29
CA VAL A 159 -3.74 -11.28 14.70
C VAL A 159 -3.56 -9.77 14.80
N ASP A 160 -3.88 -9.08 13.70
CA ASP A 160 -3.90 -7.62 13.65
C ASP A 160 -5.27 -7.17 13.19
N HIS A 161 -5.80 -6.12 13.84
CA HIS A 161 -7.13 -5.62 13.51
C HIS A 161 -7.10 -4.43 12.57
N HIS A 162 -5.94 -3.79 12.38
CA HIS A 162 -5.82 -2.67 11.47
C HIS A 162 -4.36 -2.41 11.11
N SER A 182 -1.33 -9.27 9.68
CA SER A 182 0.00 -8.89 9.20
C SER A 182 0.59 -9.98 8.30
N ALA A 183 1.91 -9.94 8.14
CA ALA A 183 2.57 -10.89 7.26
C ALA A 183 2.49 -12.31 7.82
N TRP A 184 2.15 -13.25 6.96
CA TRP A 184 1.98 -14.64 7.33
C TRP A 184 3.24 -15.42 7.01
N PHE A 185 3.87 -15.97 8.03
CA PHE A 185 5.08 -16.77 7.87
C PHE A 185 4.77 -18.23 8.11
N ASN A 186 5.75 -19.09 7.82
CA ASN A 186 5.61 -20.53 8.00
C ASN A 186 6.72 -21.03 8.92
N LEU A 187 6.35 -21.92 9.83
CA LEU A 187 7.32 -22.50 10.75
C LEU A 187 8.31 -23.37 9.98
N ALA A 188 9.54 -23.40 10.47
CA ALA A 188 10.58 -24.25 9.89
C ALA A 188 10.93 -25.46 10.74
N ASP A 189 10.44 -25.51 11.99
CA ASP A 189 10.77 -26.59 12.90
C ASP A 189 9.51 -27.10 13.57
N TYR A 190 9.16 -28.37 13.32
CA TYR A 190 8.08 -29.03 14.02
C TYR A 190 8.27 -30.53 13.88
N ASP A 191 8.34 -31.24 15.00
CA ASP A 191 8.51 -32.68 15.00
C ASP A 191 7.18 -33.34 15.32
N CYS A 192 6.62 -34.06 14.35
CA CYS A 192 5.38 -34.80 14.56
C CYS A 192 5.16 -35.79 13.43
N ASP A 193 4.19 -36.67 13.64
CA ASP A 193 4.00 -37.88 12.88
C ASP A 193 2.51 -38.18 12.87
N GLU A 194 2.16 -39.45 12.61
CA GLU A 194 0.76 -39.88 12.67
C GLU A 194 0.02 -39.35 13.89
N TYR A 195 0.73 -39.10 14.99
CA TYR A 195 0.11 -38.43 16.14
C TYR A 195 -0.40 -37.04 15.77
N TYR A 196 0.31 -36.34 14.88
CA TYR A 196 0.03 -34.96 14.51
C TYR A 196 0.15 -34.00 15.69
N VAL A 197 0.94 -34.37 16.69
CA VAL A 197 1.26 -33.49 17.82
C VAL A 197 2.65 -32.92 17.57
N CYS A 198 2.71 -31.68 17.09
CA CYS A 198 3.95 -31.11 16.59
C CYS A 198 4.49 -30.08 17.57
N GLU A 199 5.54 -30.46 18.28
CA GLU A 199 6.27 -29.55 19.15
C GLU A 199 7.16 -28.65 18.30
N ILE A 200 7.06 -27.35 18.52
CA ILE A 200 7.71 -26.36 17.66
C ILE A 200 8.81 -25.67 18.45
N LEU A 201 10.04 -25.73 17.93
CA LEU A 201 11.16 -24.98 18.48
C LEU A 201 11.36 -23.64 17.77
N GLU A 202 10.46 -23.28 16.86
CA GLU A 202 10.57 -22.00 16.16
C GLU A 202 10.51 -20.86 17.16
N ALA A 203 11.28 -19.80 16.88
CA ALA A 203 11.35 -18.66 17.76
C ALA A 203 10.09 -17.81 17.67
N LEU A 204 9.05 -18.17 18.42
CA LEU A 204 7.83 -17.38 18.50
C LEU A 204 8.02 -16.30 19.56
N ILE A 205 7.86 -15.05 19.16
CA ILE A 205 8.17 -13.93 20.05
C ILE A 205 7.07 -13.84 21.11
N PRO A 206 7.43 -13.69 22.39
CA PRO A 206 6.43 -13.78 23.45
C PRO A 206 5.42 -12.65 23.43
N TYR A 207 4.25 -12.94 24.00
CA TYR A 207 3.14 -12.01 24.14
C TYR A 207 2.76 -11.40 22.78
N THR A 208 2.33 -12.27 21.87
CA THR A 208 1.76 -11.84 20.61
C THR A 208 0.77 -12.90 20.16
N GLN A 209 -0.47 -12.51 19.94
CA GLN A 209 -1.52 -13.47 19.62
C GLN A 209 -1.27 -14.12 18.27
N TYR A 210 -1.38 -15.44 18.22
CA TYR A 210 -1.14 -16.21 17.01
C TYR A 210 -2.38 -17.04 16.67
N ARG A 211 -2.51 -17.35 15.37
CA ARG A 211 -3.48 -18.33 14.90
C ARG A 211 -2.75 -19.30 13.99
N PHE A 212 -2.86 -20.58 14.30
CA PHE A 212 -2.15 -21.64 13.58
C PHE A 212 -3.10 -22.28 12.58
N ARG A 213 -2.53 -22.95 11.58
CA ARG A 213 -3.33 -23.71 10.62
C ARG A 213 -2.41 -24.62 9.83
N PHE A 214 -2.99 -25.63 9.21
CA PHE A 214 -2.27 -26.61 8.41
C PHE A 214 -2.33 -26.22 6.94
N GLU A 215 -1.18 -26.28 6.29
CA GLU A 215 -1.06 -26.04 4.86
C GLU A 215 -0.93 -27.40 4.18
N LEU A 216 -1.97 -27.84 3.47
CA LEU A 216 -1.95 -29.15 2.84
C LEU A 216 -1.63 -28.98 1.36
N PRO A 217 -0.46 -29.40 0.89
CA PRO A 217 -0.08 -29.14 -0.51
C PRO A 217 -0.70 -30.16 -1.46
N PHE A 218 -1.69 -29.74 -2.23
CA PHE A 218 -2.33 -30.56 -3.26
C PHE A 218 -2.29 -29.77 -4.56
N GLY A 219 -1.41 -30.18 -5.47
CA GLY A 219 -1.28 -29.49 -6.75
C GLY A 219 -0.15 -28.49 -6.76
N GLU A 220 -0.04 -27.80 -7.89
CA GLU A 220 1.04 -26.85 -8.12
C GLU A 220 0.58 -25.42 -8.36
N ASN A 221 -0.71 -25.18 -8.47
CA ASN A 221 -1.24 -23.84 -8.66
C ASN A 221 -1.48 -23.16 -7.31
N ARG A 222 -1.26 -21.85 -7.28
CA ARG A 222 -1.35 -21.11 -6.02
C ARG A 222 -2.77 -21.14 -5.46
N ASP A 223 -3.77 -20.94 -6.31
CA ASP A 223 -5.17 -20.92 -5.89
C ASP A 223 -5.83 -22.28 -6.06
N GLU A 224 -5.04 -23.35 -6.12
CA GLU A 224 -5.56 -24.70 -6.23
C GLU A 224 -5.08 -25.48 -5.03
N VAL A 225 -5.20 -24.89 -3.84
CA VAL A 225 -4.77 -25.50 -2.59
C VAL A 225 -5.88 -25.32 -1.56
N LEU A 226 -6.11 -26.36 -0.76
CA LEU A 226 -7.09 -26.32 0.31
C LEU A 226 -6.38 -26.08 1.64
N TYR A 227 -7.11 -25.52 2.60
CA TYR A 227 -6.54 -25.17 3.89
C TYR A 227 -7.37 -25.81 5.00
N SER A 228 -6.76 -25.89 6.19
CA SER A 228 -7.50 -26.15 7.42
C SER A 228 -8.08 -24.85 7.95
N PRO A 229 -9.35 -24.82 8.37
CA PRO A 229 -10.04 -23.52 8.53
C PRO A 229 -9.37 -22.55 9.49
N ALA A 230 -9.26 -22.90 10.76
CA ALA A 230 -8.65 -22.02 11.74
C ALA A 230 -8.51 -22.75 13.06
N THR A 231 -7.34 -22.60 13.69
CA THR A 231 -7.10 -23.02 15.05
C THR A 231 -7.48 -21.89 16.02
N PRO A 232 -8.13 -22.20 17.14
CA PRO A 232 -8.52 -21.14 18.08
C PRO A 232 -7.31 -20.29 18.47
N ALA A 233 -7.53 -18.98 18.51
CA ALA A 233 -6.44 -18.04 18.74
C ALA A 233 -5.76 -18.35 20.06
N TYR A 234 -4.43 -18.41 20.03
CA TYR A 234 -3.64 -18.72 21.22
C TYR A 234 -2.57 -17.66 21.40
N GLN A 235 -2.39 -17.22 22.65
CA GLN A 235 -1.40 -16.24 23.01
C GLN A 235 -0.23 -16.94 23.68
N THR A 236 0.95 -16.78 23.11
CA THR A 236 2.15 -17.36 23.70
C THR A 236 2.48 -16.65 25.02
N PRO A 237 3.09 -17.35 25.96
CA PRO A 237 3.36 -16.76 27.28
C PRO A 237 4.24 -15.54 27.19
N PRO A 238 4.41 -14.61 28.18
CA PRO A 238 5.27 -13.44 27.99
C PRO A 238 6.81 -13.55 28.19
N GLU A 239 7.46 -12.73 29.05
CA GLU A 239 8.92 -12.82 29.43
C GLU A 239 10.05 -12.11 28.59
N GLY A 240 9.81 -11.26 27.56
CA GLY A 240 10.95 -10.58 26.88
C GLY A 240 10.91 -9.05 26.94
N ALA A 241 12.05 -8.32 26.72
CA ALA A 241 11.89 -6.87 26.71
C ALA A 241 11.10 -6.44 25.47
N PRO A 242 10.38 -5.33 25.56
CA PRO A 242 9.63 -4.84 24.40
C PRO A 242 10.56 -4.59 23.22
N ILE A 243 10.09 -4.95 22.02
CA ILE A 243 10.92 -4.83 20.83
C ILE A 243 10.50 -3.68 19.93
N SER A 244 9.30 -3.13 20.11
CA SER A 244 8.79 -2.04 19.30
C SER A 244 8.70 -0.78 20.13
N ALA A 245 9.34 0.29 19.67
CA ALA A 245 9.22 1.57 20.32
C ALA A 245 7.79 2.08 20.19
N PRO A 246 7.31 2.84 21.18
CA PRO A 246 5.94 3.35 21.09
C PRO A 246 5.73 4.19 19.84
N VAL A 247 4.60 3.99 19.19
CA VAL A 247 4.28 4.70 17.96
C VAL A 247 3.73 6.07 18.32
N ILE A 248 4.48 7.11 17.98
CA ILE A 248 4.07 8.48 18.27
C ILE A 248 3.25 8.99 17.10
N GLU A 249 2.05 9.47 17.39
CA GLU A 249 1.13 9.90 16.34
C GLU A 249 0.90 11.40 16.28
N HIS A 250 1.22 12.14 17.34
CA HIS A 250 1.04 13.59 17.34
C HIS A 250 1.99 14.20 18.35
N LEU A 251 2.71 15.22 17.92
CA LEU A 251 3.71 15.90 18.75
C LEU A 251 3.55 17.42 18.60
N MET A 252 2.33 17.90 18.82
CA MET A 252 1.99 19.30 18.63
C MET A 252 2.84 20.22 19.49
N GLY A 253 3.14 21.40 18.95
CA GLY A 253 3.77 22.44 19.73
C GLY A 253 2.75 23.32 20.40
N LEU A 254 2.00 22.77 21.35
CA LEU A 254 0.94 23.53 22.00
C LEU A 254 1.52 24.64 22.86
N ASP A 255 1.03 25.86 22.65
CA ASP A 255 1.48 27.05 23.37
C ASP A 255 2.96 27.29 23.17
N ASP A 256 3.51 28.28 23.90
CA ASP A 256 4.91 28.62 23.77
C ASP A 256 5.80 27.77 24.66
N SER A 257 5.26 27.22 25.75
CA SER A 257 6.08 26.50 26.71
C SER A 257 5.38 25.26 27.27
N HIS A 258 4.48 24.65 26.52
CA HIS A 258 3.69 23.54 27.04
C HIS A 258 3.59 22.41 26.02
N LEU A 259 4.73 22.01 25.47
CA LEU A 259 4.82 20.89 24.52
C LEU A 259 3.95 19.71 24.96
N ALA A 260 3.22 19.13 23.99
CA ALA A 260 2.34 18.01 24.24
C ALA A 260 2.62 16.89 23.25
N VAL A 261 2.43 15.66 23.70
CA VAL A 261 2.78 14.47 22.91
C VAL A 261 1.67 13.44 23.01
N HIS A 262 1.32 12.84 21.88
CA HIS A 262 0.35 11.75 21.82
C HIS A 262 1.05 10.46 21.39
N TRP A 263 0.74 9.37 22.07
CA TRP A 263 1.32 8.08 21.73
C TRP A 263 0.35 6.96 22.13
N HIS A 264 0.64 5.67 21.83
CA HIS A 264 -0.18 4.52 22.23
C HIS A 264 0.74 3.24 22.30
N PRO A 265 0.33 1.99 22.86
CA PRO A 265 1.14 0.87 22.57
C PRO A 265 1.59 0.67 21.17
N GLY A 266 2.82 0.19 21.12
CA GLY A 266 3.43 -0.26 19.88
C GLY A 266 2.77 -1.54 19.40
N ARG A 267 3.12 -1.93 18.18
CA ARG A 267 2.56 -3.15 17.61
C ARG A 267 2.95 -4.37 18.43
N PHE A 268 4.15 -4.37 19.02
CA PHE A 268 4.61 -5.45 19.87
C PHE A 268 4.71 -4.95 21.29
N THR A 269 4.38 -5.82 22.25
CA THR A 269 4.37 -5.47 23.66
C THR A 269 5.44 -6.20 24.46
N ASN A 270 5.50 -7.52 24.37
CA ASN A 270 6.48 -8.35 25.08
C ASN A 270 6.38 -8.13 26.60
N GLY A 271 5.24 -8.54 27.15
CA GLY A 271 4.99 -8.42 28.56
C GLY A 271 3.97 -7.34 28.87
N PRO A 272 3.21 -7.52 29.94
CA PRO A 272 2.28 -6.48 30.37
C PRO A 272 3.01 -5.18 30.64
N ILE A 273 2.40 -4.07 30.24
CA ILE A 273 3.01 -2.75 30.32
C ILE A 273 2.49 -2.04 31.57
N GLU A 274 3.40 -1.42 32.32
CA GLU A 274 3.03 -0.68 33.51
C GLU A 274 3.39 0.80 33.45
N GLY A 275 3.95 1.28 32.34
CA GLY A 275 4.29 2.68 32.25
C GLY A 275 5.09 2.97 31.00
N TYR A 276 5.53 4.21 30.90
CA TYR A 276 6.40 4.66 29.83
C TYR A 276 7.42 5.65 30.38
N ARG A 277 8.54 5.74 29.69
CA ARG A 277 9.62 6.65 30.09
C ARG A 277 9.66 7.81 29.10
N LEU A 278 9.35 9.01 29.58
CA LEU A 278 9.35 10.21 28.77
C LEU A 278 10.57 11.05 29.13
N ARG A 279 11.51 11.15 28.21
CA ARG A 279 12.69 11.99 28.36
C ARG A 279 12.67 13.07 27.30
N LEU A 280 12.78 14.32 27.73
CA LEU A 280 12.82 15.46 26.82
C LEU A 280 14.18 16.14 26.94
N SER A 281 14.84 16.30 25.80
CA SER A 281 16.18 16.87 25.76
C SER A 281 16.17 18.12 24.90
N SER A 282 16.78 19.18 25.43
CA SER A 282 16.90 20.43 24.70
C SER A 282 17.98 20.32 23.65
N SER A 283 17.82 21.09 22.58
CA SER A 283 18.77 21.07 21.48
C SER A 283 19.97 21.99 21.71
N GLU A 284 19.85 22.97 22.61
CA GLU A 284 20.96 23.88 22.88
C GLU A 284 21.35 23.90 24.36
N GLY A 285 20.82 23.01 25.19
CA GLY A 285 21.10 23.04 26.60
C GLY A 285 21.13 21.66 27.22
N ASN A 286 21.50 21.63 28.50
CA ASN A 286 21.56 20.39 29.28
C ASN A 286 20.28 20.15 30.06
N ALA A 287 19.26 21.00 29.89
CA ALA A 287 18.02 20.86 30.64
C ALA A 287 17.25 19.65 30.13
N THR A 288 17.40 18.53 30.81
CA THR A 288 16.74 17.28 30.46
C THR A 288 15.74 16.93 31.55
N SER A 289 14.48 16.76 31.17
CA SER A 289 13.41 16.41 32.10
C SER A 289 12.90 15.02 31.78
N GLU A 290 12.82 14.17 32.80
CA GLU A 290 12.37 12.79 32.63
C GLU A 290 11.11 12.58 33.46
N GLN A 291 10.00 12.33 32.78
CA GLN A 291 8.71 12.08 33.42
C GLN A 291 8.32 10.63 33.22
N LEU A 292 7.62 10.07 34.21
CA LEU A 292 7.11 8.70 34.14
C LEU A 292 5.59 8.73 34.21
N VAL A 293 4.96 7.90 33.38
CA VAL A 293 3.51 7.88 33.28
C VAL A 293 3.00 6.46 33.43
N PRO A 294 1.97 6.20 34.24
CA PRO A 294 1.38 4.85 34.30
C PRO A 294 0.95 4.33 32.95
N ALA A 295 0.65 3.03 32.87
CA ALA A 295 0.40 2.39 31.59
C ALA A 295 -0.79 2.99 30.88
N GLY A 296 -1.87 3.25 31.60
CA GLY A 296 -3.08 3.71 30.95
C GLY A 296 -3.13 5.20 30.76
N ARG A 297 -2.72 5.66 29.58
CA ARG A 297 -2.78 7.07 29.21
C ARG A 297 -2.46 7.18 27.73
N GLY A 298 -3.01 8.21 27.10
CA GLY A 298 -2.83 8.41 25.67
C GLY A 298 -2.26 9.76 25.30
N SER A 299 -1.72 10.48 26.27
CA SER A 299 -1.12 11.78 26.01
C SER A 299 -0.31 12.20 27.24
N TYR A 300 0.52 13.21 27.06
CA TYR A 300 1.28 13.79 28.15
C TYR A 300 1.69 15.20 27.75
N ILE A 301 1.81 16.07 28.73
CA ILE A 301 2.12 17.48 28.49
C ILE A 301 3.20 17.93 29.46
N PHE A 302 4.24 18.58 28.94
CA PHE A 302 5.28 19.17 29.78
C PHE A 302 4.95 20.61 30.10
N SER A 303 5.62 21.16 31.12
CA SER A 303 5.35 22.51 31.58
C SER A 303 6.67 23.22 31.87
N GLN A 304 6.62 24.55 31.80
CA GLN A 304 7.77 25.43 32.09
C GLN A 304 8.97 25.10 31.18
N LEU A 305 8.76 25.30 29.89
CA LEU A 305 9.80 25.12 28.89
C LEU A 305 10.24 26.48 28.34
N GLN A 306 11.38 26.47 27.67
CA GLN A 306 11.84 27.67 26.98
C GLN A 306 11.08 27.84 25.66
N ALA A 307 10.86 29.09 25.28
CA ALA A 307 10.07 29.41 24.10
C ALA A 307 10.96 29.64 22.90
N GLY A 308 10.44 29.28 21.72
CA GLY A 308 11.14 29.52 20.47
C GLY A 308 12.41 28.73 20.29
N THR A 309 12.46 27.49 20.79
CA THR A 309 13.63 26.64 20.63
C THR A 309 13.18 25.22 20.29
N ASN A 310 13.98 24.54 19.48
CA ASN A 310 13.67 23.17 19.09
C ASN A 310 13.90 22.21 20.24
N TYR A 311 12.95 21.28 20.42
CA TYR A 311 13.04 20.25 21.44
C TYR A 311 12.94 18.88 20.80
N THR A 312 13.43 17.88 21.53
CA THR A 312 13.31 16.48 21.13
C THR A 312 12.74 15.68 22.30
N LEU A 313 12.05 14.60 21.96
CA LEU A 313 11.33 13.79 22.94
C LEU A 313 11.68 12.32 22.76
N ALA A 314 11.88 11.63 23.88
CA ALA A 314 12.30 10.23 23.87
C ALA A 314 11.20 9.38 24.49
N LEU A 315 10.41 8.74 23.63
CA LEU A 315 9.35 7.84 24.07
C LEU A 315 9.94 6.45 24.27
N SER A 316 9.78 5.91 25.48
CA SER A 316 10.33 4.60 25.82
C SER A 316 9.22 3.73 26.40
N MET A 317 9.11 2.50 25.90
CA MET A 317 8.12 1.54 26.37
C MET A 317 8.79 0.59 27.36
N ILE A 318 8.24 0.50 28.56
CA ILE A 318 8.87 -0.21 29.66
C ILE A 318 7.88 -1.19 30.27
N ASN A 319 8.36 -2.38 30.59
CA ASN A 319 7.57 -3.40 31.26
C ASN A 319 8.28 -3.84 32.54
N LYS A 320 7.81 -4.93 33.13
CA LYS A 320 8.33 -5.38 34.43
C LYS A 320 9.81 -5.70 34.36
N GLN A 321 10.24 -6.40 33.31
CA GLN A 321 11.59 -6.93 33.27
C GLN A 321 12.64 -5.92 32.82
N GLY A 322 12.24 -4.78 32.25
CA GLY A 322 13.21 -3.79 31.84
C GLY A 322 12.59 -2.77 30.91
N GLU A 323 13.46 -2.08 30.18
CA GLU A 323 13.07 -1.03 29.25
C GLU A 323 12.95 -1.59 27.84
N GLY A 324 12.72 -0.69 26.88
CA GLY A 324 12.60 -1.06 25.50
C GLY A 324 13.28 -0.08 24.58
N PRO A 325 12.88 -0.06 23.30
CA PRO A 325 13.48 0.87 22.35
C PRO A 325 13.10 2.31 22.63
N VAL A 326 13.59 3.22 21.81
CA VAL A 326 13.34 4.65 21.97
C VAL A 326 12.78 5.19 20.66
N ALA A 327 11.71 5.97 20.76
CA ALA A 327 11.13 6.67 19.62
C ALA A 327 11.43 8.15 19.75
N LYS A 328 11.88 8.77 18.66
CA LYS A 328 12.33 10.15 18.67
C LYS A 328 11.35 11.03 17.92
N GLY A 329 11.18 12.26 18.40
CA GLY A 329 10.34 13.22 17.73
C GLY A 329 10.98 14.59 17.77
N PHE A 330 10.74 15.37 16.73
CA PHE A 330 11.29 16.71 16.59
C PHE A 330 10.15 17.71 16.54
N VAL A 331 10.21 18.73 17.39
CA VAL A 331 9.19 19.75 17.44
C VAL A 331 9.77 20.99 18.10
N GLN A 332 9.32 22.15 17.65
CA GLN A 332 9.66 23.43 18.27
C GLN A 332 8.39 24.06 18.83
N THR A 333 8.49 24.61 20.03
CA THR A 333 7.34 25.25 20.63
C THR A 333 7.03 26.57 19.92
N HIS A 334 5.80 27.04 20.10
CA HIS A 334 5.39 28.30 19.50
C HIS A 334 6.26 29.44 20.02
N SER A 335 6.61 30.36 19.12
CA SER A 335 7.40 31.53 19.51
C SER A 335 6.45 32.53 20.16
N ALA A 336 6.70 32.83 21.43
CA ALA A 336 5.80 33.67 22.21
C ALA A 336 5.91 35.12 21.74
N ARG A 337 5.05 35.98 22.30
CA ARG A 337 5.09 37.42 22.05
C ARG A 337 5.68 38.08 23.29
N ASN A 338 6.86 38.67 23.13
CA ASN A 338 7.51 39.34 24.25
C ASN A 338 6.70 40.54 24.68
N GLU A 339 6.95 41.02 25.90
CA GLU A 339 6.13 42.04 26.52
C GLU A 339 6.20 43.38 25.76
N LYS A 340 7.22 43.56 24.91
CA LYS A 340 7.28 44.68 23.98
C LYS A 340 7.33 46.00 24.75
N PRO A 341 7.21 47.19 24.11
CA PRO A 341 7.14 48.43 24.90
C PRO A 341 6.25 48.29 26.12
N ALA A 342 6.86 48.45 27.29
CA ALA A 342 6.33 48.03 28.59
C ALA A 342 4.85 48.35 28.78
N LYS A 343 4.49 49.62 28.68
CA LYS A 343 3.11 50.06 28.80
C LYS A 343 2.76 51.02 27.68
N ASP A 344 3.39 50.84 26.53
CA ASP A 344 3.28 51.77 25.41
C ASP A 344 2.64 51.18 24.17
N LEU A 345 2.28 49.90 24.17
CA LEU A 345 1.66 49.28 23.00
C LEU A 345 0.33 49.97 22.69
N THR A 346 0.07 50.19 21.41
CA THR A 346 -1.08 50.96 20.98
C THR A 346 -2.39 50.19 21.03
N GLU A 347 -2.35 48.88 21.30
CA GLU A 347 -3.58 48.11 21.40
C GLU A 347 -4.40 48.55 22.60
N SER A 348 -5.71 48.58 22.42
CA SER A 348 -6.63 49.06 23.44
C SER A 348 -7.32 47.89 24.12
N VAL A 349 -8.21 48.21 25.07
CA VAL A 349 -9.02 47.23 25.77
C VAL A 349 -10.39 47.82 26.01
N LEU A 350 -11.41 46.97 25.96
CA LEU A 350 -12.79 47.37 26.15
C LEU A 350 -13.20 47.07 27.58
N LEU A 351 -13.43 48.12 28.37
CA LEU A 351 -13.82 47.98 29.76
C LEU A 351 -15.34 48.03 29.85
N VAL A 352 -15.93 47.04 30.50
CA VAL A 352 -17.38 46.88 30.57
C VAL A 352 -17.81 46.94 32.02
N GLY A 353 -18.82 47.76 32.31
CA GLY A 353 -19.46 47.79 33.59
C GLY A 353 -20.92 47.36 33.51
N ARG A 354 -21.69 47.76 34.52
CA ARG A 354 -23.12 47.45 34.52
C ARG A 354 -23.81 48.08 33.33
N ARG A 355 -23.54 49.36 33.06
CA ARG A 355 -24.09 50.05 31.89
C ARG A 355 -22.96 50.87 31.26
N ALA A 356 -22.14 50.22 30.44
CA ALA A 356 -21.00 50.91 29.85
C ALA A 356 -20.29 49.99 28.88
N VAL A 357 -19.75 50.60 27.82
CA VAL A 357 -18.86 49.92 26.88
C VAL A 357 -17.56 50.70 26.79
N MET A 358 -17.11 51.25 27.91
CA MET A 358 -15.95 52.12 27.96
C MET A 358 -14.77 51.56 27.19
N TRP A 359 -14.09 52.45 26.46
CA TRP A 359 -12.92 52.11 25.66
C TRP A 359 -11.70 52.78 26.27
N GLN A 360 -10.58 52.05 26.29
CA GLN A 360 -9.36 52.55 26.91
C GLN A 360 -8.17 51.86 26.25
N SER A 361 -7.13 52.62 25.98
CA SER A 361 -5.90 52.11 25.37
C SER A 361 -4.75 52.20 26.36
N LEU A 362 -3.87 51.20 26.31
CA LEU A 362 -2.91 50.95 27.37
C LEU A 362 -1.67 51.83 27.29
N GLU A 363 -1.53 52.66 26.26
CA GLU A 363 -0.39 53.55 26.20
C GLU A 363 -0.47 54.59 27.32
N PRO A 364 0.67 55.12 27.77
CA PRO A 364 0.64 56.05 28.91
C PRO A 364 -0.26 57.25 28.63
N ALA A 365 -1.04 57.64 29.64
CA ALA A 365 -2.05 58.68 29.51
C ALA A 365 -2.97 58.40 28.34
N GLY A 366 -3.36 57.14 28.20
CA GLY A 366 -4.22 56.74 27.11
C GLY A 366 -5.61 57.33 27.22
N GLU A 367 -6.28 57.38 26.07
CA GLU A 367 -7.62 57.93 26.01
C GLU A 367 -8.58 57.06 26.80
N ASN A 368 -9.48 57.72 27.53
CA ASN A 368 -10.56 57.05 28.27
C ASN A 368 -11.89 57.50 27.69
N SER A 369 -12.06 57.35 26.37
CA SER A 369 -13.26 57.82 25.71
C SER A 369 -14.41 56.84 25.90
N MET A 370 -15.50 57.32 26.47
CA MET A 370 -16.69 56.52 26.65
C MET A 370 -17.43 56.37 25.33
N ILE A 371 -18.03 55.19 25.11
CA ILE A 371 -18.61 54.87 23.81
C ILE A 371 -20.12 55.08 23.82
N TYR A 372 -20.82 54.38 24.71
CA TYR A 372 -22.28 54.32 24.63
C TYR A 372 -22.85 53.96 25.98
N GLN A 373 -24.03 54.51 26.29
CA GLN A 373 -24.70 54.30 27.56
C GLN A 373 -26.11 53.76 27.34
N SER A 374 -26.55 52.90 28.25
CA SER A 374 -27.90 52.35 28.20
C SER A 374 -28.54 52.43 29.57
N GLN A 375 -29.86 52.52 29.59
CA GLN A 375 -30.61 52.57 30.84
C GLN A 375 -30.95 51.19 31.39
N GLU A 376 -30.66 50.12 30.65
CA GLU A 376 -30.93 48.77 31.10
C GLU A 376 -29.62 48.06 31.42
N GLU A 377 -29.73 46.95 32.15
CA GLU A 377 -28.55 46.19 32.55
C GLU A 377 -27.92 45.53 31.34
N LEU A 378 -26.61 45.71 31.18
CA LEU A 378 -25.89 45.13 30.06
C LEU A 378 -25.48 43.70 30.37
N ALA A 379 -25.64 42.81 29.39
CA ALA A 379 -25.33 41.40 29.59
C ALA A 379 -23.90 41.07 29.20
N ASP A 380 -23.53 41.29 27.94
CA ASP A 380 -22.18 41.02 27.46
C ASP A 380 -22.01 41.72 26.11
N ILE A 381 -20.86 41.49 25.48
CA ILE A 381 -20.51 42.13 24.22
C ILE A 381 -19.96 41.08 23.27
N ALA A 382 -19.76 41.48 22.02
CA ALA A 382 -19.03 40.69 21.05
C ALA A 382 -17.95 41.57 20.43
N TRP A 383 -17.24 41.07 19.42
CA TRP A 383 -16.15 41.83 18.84
C TRP A 383 -15.87 41.37 17.42
N SER A 384 -15.80 42.32 16.50
CA SER A 384 -15.44 42.07 15.11
C SER A 384 -14.19 42.84 14.77
N LYS A 385 -13.22 42.17 14.14
CA LYS A 385 -11.99 42.82 13.70
C LYS A 385 -12.03 43.19 12.23
N ARG A 386 -12.65 42.37 11.38
CA ARG A 386 -12.75 42.70 9.96
C ARG A 386 -13.51 44.01 9.76
N GLU A 387 -14.54 44.23 10.58
CA GLU A 387 -15.26 45.49 10.61
C GLU A 387 -15.28 46.01 12.05
N GLN A 388 -15.02 47.31 12.21
CA GLN A 388 -15.01 47.94 13.53
C GLN A 388 -16.46 48.08 13.99
N GLN A 389 -17.04 46.95 14.37
CA GLN A 389 -18.45 46.88 14.77
C GLN A 389 -18.58 46.04 16.02
N LEU A 390 -19.41 46.50 16.96
CA LEU A 390 -19.68 45.79 18.20
C LEU A 390 -21.10 45.24 18.17
N TRP A 391 -21.32 44.21 18.98
CA TRP A 391 -22.63 43.54 19.08
C TRP A 391 -23.06 43.56 20.54
N LEU A 392 -23.79 44.61 20.93
CA LEU A 392 -24.25 44.74 22.30
C LEU A 392 -25.59 44.04 22.50
N LEU A 393 -25.85 43.65 23.73
CA LEU A 393 -27.09 42.94 24.07
C LEU A 393 -27.36 43.10 25.55
N ASN A 394 -28.56 43.57 25.88
CA ASN A 394 -28.97 43.81 27.27
C ASN A 394 -29.61 42.54 27.83
N VAL A 395 -30.21 42.67 29.01
CA VAL A 395 -30.87 41.53 29.64
C VAL A 395 -32.16 41.14 28.91
N HIS A 396 -32.70 42.04 28.10
CA HIS A 396 -33.94 41.78 27.38
C HIS A 396 -33.71 41.35 25.94
N GLY A 397 -32.47 41.00 25.60
CA GLY A 397 -32.16 40.52 24.26
C GLY A 397 -32.32 41.55 23.17
N GLU A 398 -31.87 42.77 23.40
CA GLU A 398 -31.90 43.83 22.39
C GLU A 398 -30.53 43.92 21.74
N LEU A 399 -30.43 43.48 20.49
CA LEU A 399 -29.18 43.51 19.75
C LEU A 399 -28.99 44.90 19.15
N ARG A 400 -28.01 45.63 19.65
CA ARG A 400 -27.74 47.00 19.23
C ARG A 400 -26.44 47.05 18.45
N SER A 401 -26.53 47.33 17.15
CA SER A 401 -25.33 47.52 16.35
C SER A 401 -24.58 48.75 16.83
N LEU A 402 -23.26 48.62 16.98
CA LEU A 402 -22.44 49.70 17.53
C LEU A 402 -21.16 49.87 16.71
N LYS A 403 -21.31 49.96 15.40
CA LYS A 403 -20.18 50.19 14.50
C LYS A 403 -19.31 51.33 15.02
N PHE A 404 -18.05 51.02 15.31
CA PHE A 404 -17.11 52.04 15.77
C PHE A 404 -16.76 52.94 14.59
N GLU A 405 -17.41 54.11 14.53
CA GLU A 405 -17.12 55.05 13.47
C GLU A 405 -15.67 55.50 13.54
N SER A 406 -15.05 55.70 12.38
CA SER A 406 -13.62 56.00 12.31
C SER A 406 -13.39 57.40 12.87
N GLY A 407 -12.94 57.47 14.11
CA GLY A 407 -12.66 58.72 14.78
C GLY A 407 -13.80 59.28 15.61
N GLN A 408 -15.00 58.72 15.49
CA GLN A 408 -16.17 59.20 16.21
C GLN A 408 -16.81 58.07 16.99
N MET A 409 -17.11 58.34 18.26
CA MET A 409 -17.73 57.33 19.11
C MET A 409 -19.22 57.15 18.83
N VAL A 410 -19.91 58.24 18.44
CA VAL A 410 -21.35 58.18 18.27
C VAL A 410 -21.69 57.37 17.02
N SER A 411 -22.56 56.38 17.19
CA SER A 411 -23.00 55.52 16.10
C SER A 411 -24.46 55.17 16.33
N PRO A 412 -25.21 54.92 15.25
CA PRO A 412 -26.60 54.48 15.42
C PRO A 412 -26.68 53.19 16.20
N ALA A 413 -27.70 53.08 17.05
CA ALA A 413 -27.92 51.94 17.93
C ALA A 413 -29.19 51.19 17.55
N GLN A 414 -29.38 50.97 16.25
CA GLN A 414 -30.59 50.33 15.76
C GLN A 414 -30.69 48.90 16.29
N GLN A 415 -31.92 48.49 16.60
CA GLN A 415 -32.16 47.13 17.06
C GLN A 415 -31.98 46.16 15.90
N LEU A 416 -31.59 44.93 16.24
CA LEU A 416 -31.36 43.90 15.25
C LEU A 416 -32.29 42.71 15.49
N LYS A 417 -33.58 43.00 15.67
CA LYS A 417 -34.61 42.01 15.99
C LYS A 417 -34.45 40.75 15.15
N LEU A 418 -34.28 39.61 15.82
CA LEU A 418 -33.95 38.36 15.17
C LEU A 418 -35.21 37.63 14.73
N ASP A 419 -35.02 36.51 14.03
CA ASP A 419 -36.11 35.68 13.56
C ASP A 419 -36.32 34.50 14.49
N LEU A 420 -37.57 34.06 14.58
CA LEU A 420 -37.92 32.93 15.44
C LEU A 420 -38.88 31.94 14.79
N GLY A 421 -39.32 32.19 13.55
CA GLY A 421 -40.25 31.27 12.92
C GLY A 421 -39.65 29.90 12.70
N ASN A 422 -38.39 29.85 12.30
CA ASN A 422 -37.73 28.57 12.08
C ASN A 422 -37.27 27.92 13.38
N ILE A 423 -37.23 28.66 14.49
CA ILE A 423 -36.75 28.12 15.75
C ILE A 423 -37.90 27.53 16.56
N SER A 424 -38.84 28.38 16.96
CA SER A 424 -40.00 27.99 17.76
C SER A 424 -40.91 29.19 17.94
N SER A 425 -42.18 28.90 18.24
CA SER A 425 -43.17 29.94 18.41
C SER A 425 -43.18 30.55 19.82
N GLY A 426 -42.42 29.99 20.75
CA GLY A 426 -42.36 30.53 22.09
C GLY A 426 -41.51 31.79 22.14
N ARG A 427 -41.48 32.40 23.32
CA ARG A 427 -40.66 33.58 23.55
C ARG A 427 -39.23 33.17 23.79
N TRP A 428 -38.30 33.82 23.08
CA TRP A 428 -36.88 33.51 23.15
C TRP A 428 -36.10 34.79 23.42
N VAL A 429 -35.41 34.85 24.55
CA VAL A 429 -34.60 36.01 24.90
C VAL A 429 -33.17 35.57 25.11
N PRO A 430 -32.25 35.93 24.22
CA PRO A 430 -30.86 35.48 24.38
C PRO A 430 -30.21 36.10 25.59
N ARG A 431 -29.28 35.36 26.19
CA ARG A 431 -28.57 35.80 27.38
C ARG A 431 -27.08 36.04 27.12
N ARG A 432 -26.42 35.17 26.38
CA ARG A 432 -25.01 35.34 26.08
C ARG A 432 -24.78 35.19 24.57
N LEU A 433 -23.88 36.00 24.04
CA LEU A 433 -23.61 36.02 22.61
C LEU A 433 -22.12 36.13 22.36
N SER A 434 -21.71 35.81 21.13
CA SER A 434 -20.32 35.91 20.72
C SER A 434 -20.27 36.00 19.22
N PHE A 435 -19.13 36.47 18.70
CA PHE A 435 -18.97 36.69 17.27
C PHE A 435 -17.93 35.75 16.69
N ASP A 436 -18.23 35.21 15.52
CA ASP A 436 -17.30 34.40 14.73
C ASP A 436 -16.74 35.27 13.62
N TRP A 437 -15.40 35.32 13.53
CA TRP A 437 -14.74 36.24 12.62
C TRP A 437 -14.22 35.55 11.35
N LEU A 438 -14.43 34.25 11.19
CA LEU A 438 -14.06 33.56 9.96
C LEU A 438 -15.28 33.04 9.21
N HIS A 439 -16.10 32.21 9.84
CA HIS A 439 -17.44 31.93 9.34
C HIS A 439 -18.34 33.04 9.86
N HIS A 440 -18.51 34.08 9.04
CA HIS A 440 -19.22 35.27 9.48
C HIS A 440 -20.61 34.92 9.97
N ARG A 441 -20.83 35.03 11.28
CA ARG A 441 -22.04 34.54 11.93
C ARG A 441 -22.18 35.24 13.27
N LEU A 442 -23.10 34.75 14.10
CA LEU A 442 -23.33 35.31 15.43
C LEU A 442 -23.90 34.21 16.31
N TYR A 443 -23.09 33.67 17.21
CA TYR A 443 -23.51 32.58 18.08
C TYR A 443 -24.17 33.14 19.34
N PHE A 444 -25.29 32.53 19.73
CA PHE A 444 -26.10 33.01 20.85
C PHE A 444 -26.44 31.86 21.77
N ALA A 445 -26.71 32.20 23.03
CA ALA A 445 -27.25 31.27 24.00
C ALA A 445 -28.70 31.65 24.27
N MET A 446 -29.62 30.74 23.93
CA MET A 446 -31.04 31.04 23.95
C MET A 446 -31.71 30.58 25.24
N GLU A 447 -32.86 31.16 25.52
CA GLU A 447 -33.65 30.83 26.71
C GLU A 447 -35.06 30.43 26.27
N SER A 448 -35.45 29.21 26.62
CA SER A 448 -36.77 28.69 26.26
C SER A 448 -37.83 29.15 27.26
N PRO A 449 -39.10 29.22 26.84
CA PRO A 449 -40.14 29.69 27.74
C PRO A 449 -40.76 28.59 28.60
N GLU A 450 -40.12 27.43 28.65
CA GLU A 450 -40.70 26.28 29.35
C GLU A 450 -40.81 26.57 30.84
N ARG A 451 -41.94 26.19 31.42
CA ARG A 451 -42.22 26.43 32.82
C ARG A 451 -41.60 25.32 33.67
N ASN A 452 -40.66 25.69 34.53
CA ASN A 452 -39.95 24.85 35.51
C ASN A 452 -38.97 23.88 34.87
N GLN A 453 -38.90 23.78 33.55
CA GLN A 453 -37.85 23.01 32.87
C GLN A 453 -37.34 23.79 31.67
N SER A 454 -37.14 25.10 31.86
CA SER A 454 -36.70 25.97 30.77
C SER A 454 -35.32 25.60 30.27
N SER A 455 -35.25 24.99 29.09
CA SER A 455 -33.97 24.60 28.51
C SER A 455 -33.33 25.79 27.80
N PHE A 456 -32.04 25.66 27.51
CA PHE A 456 -31.27 26.69 26.82
C PHE A 456 -30.68 26.10 25.54
N GLN A 457 -30.57 26.93 24.50
CA GLN A 457 -30.19 26.47 23.18
C GLN A 457 -29.20 27.43 22.53
N ILE A 458 -28.48 26.93 21.54
CA ILE A 458 -27.53 27.72 20.74
C ILE A 458 -28.08 27.84 19.33
N ILE A 459 -27.98 29.05 18.76
CA ILE A 459 -28.31 29.27 17.36
C ILE A 459 -27.10 29.92 16.69
N SER A 460 -27.10 29.84 15.36
CA SER A 460 -26.04 30.45 14.54
C SER A 460 -26.70 31.26 13.44
N THR A 461 -26.93 32.55 13.70
CA THR A 461 -27.59 33.42 12.74
C THR A 461 -26.56 34.03 11.80
N ASP A 462 -27.04 34.89 10.90
CA ASP A 462 -26.19 35.59 9.96
C ASP A 462 -25.86 36.97 10.56
N LEU A 463 -25.07 37.77 9.85
CA LEU A 463 -24.65 39.06 10.38
C LEU A 463 -25.83 39.94 10.76
N LEU A 464 -26.81 40.03 9.86
CA LEU A 464 -28.04 40.75 10.19
C LEU A 464 -28.94 39.95 11.11
N GLY A 465 -28.74 38.63 11.20
CA GLY A 465 -29.49 37.80 12.10
C GLY A 465 -30.79 37.28 11.52
N GLU A 466 -30.70 36.58 10.39
CA GLU A 466 -31.88 36.03 9.73
C GLU A 466 -31.80 34.53 9.52
N SER A 467 -30.60 33.97 9.30
CA SER A 467 -30.46 32.55 9.02
C SER A 467 -30.28 31.80 10.33
N ALA A 468 -31.39 31.65 11.06
CA ALA A 468 -31.36 30.89 12.30
C ALA A 468 -31.06 29.42 12.02
N GLN A 469 -30.22 28.82 12.86
CA GLN A 469 -29.77 27.46 12.65
C GLN A 469 -29.68 26.74 14.00
N LYS A 470 -30.17 25.51 14.03
CA LYS A 470 -30.08 24.68 15.22
C LYS A 470 -28.63 24.29 15.48
N VAL A 471 -28.17 24.48 16.71
CA VAL A 471 -26.82 24.12 17.13
C VAL A 471 -26.90 23.30 18.40
N GLY A 472 -26.42 22.06 18.35
CA GLY A 472 -26.31 21.24 19.54
C GLY A 472 -27.65 20.82 20.11
N GLU A 473 -27.66 20.61 21.43
CA GLU A 473 -28.81 20.11 22.15
C GLU A 473 -29.17 21.07 23.27
N SER A 474 -30.37 20.92 23.82
CA SER A 474 -30.84 21.77 24.90
C SER A 474 -30.26 21.33 26.24
N PHE A 475 -30.27 22.26 27.19
CA PHE A 475 -29.74 22.01 28.53
C PHE A 475 -30.41 22.96 29.50
N ASP A 476 -30.36 22.60 30.78
CA ASP A 476 -31.09 23.35 31.81
C ASP A 476 -30.23 24.38 32.53
N LEU A 477 -28.94 24.14 32.69
CA LEU A 477 -28.10 25.07 33.42
C LEU A 477 -27.98 26.39 32.64
N PRO A 478 -28.02 27.53 33.32
CA PRO A 478 -27.90 28.81 32.61
C PRO A 478 -26.51 29.02 32.05
N VAL A 479 -26.45 29.81 30.97
CA VAL A 479 -25.19 30.15 30.32
C VAL A 479 -24.68 31.46 30.89
N GLU A 480 -23.37 31.57 31.09
CA GLU A 480 -22.78 32.77 31.65
C GLU A 480 -21.78 33.46 30.73
N GLN A 481 -21.17 32.73 29.80
CA GLN A 481 -20.22 33.34 28.87
C GLN A 481 -20.03 32.42 27.68
N LEU A 482 -20.15 32.97 26.47
CA LEU A 482 -19.92 32.24 25.24
C LEU A 482 -18.76 32.88 24.48
N GLU A 483 -17.76 32.07 24.14
CA GLU A 483 -16.63 32.51 23.33
C GLU A 483 -16.39 31.43 22.29
N VAL A 484 -16.18 31.84 21.04
CA VAL A 484 -16.02 30.91 19.93
C VAL A 484 -14.61 31.06 19.37
N ASP A 485 -13.93 29.93 19.20
CA ASP A 485 -12.61 29.89 18.61
C ASP A 485 -12.79 29.57 17.13
N ALA A 486 -12.62 30.58 16.27
CA ALA A 486 -12.94 30.40 14.86
C ALA A 486 -11.93 29.51 14.14
N LEU A 487 -10.64 29.73 14.39
CA LEU A 487 -9.60 29.03 13.64
C LEU A 487 -9.68 27.53 13.86
N ASN A 488 -9.42 27.08 15.09
CA ASN A 488 -9.45 25.65 15.37
C ASN A 488 -10.86 25.09 15.37
N GLY A 489 -11.88 25.94 15.28
CA GLY A 489 -13.24 25.47 15.18
C GLY A 489 -13.79 24.87 16.45
N TRP A 490 -13.96 25.70 17.49
CA TRP A 490 -14.58 25.25 18.72
C TRP A 490 -15.38 26.39 19.31
N ILE A 491 -16.38 26.05 20.11
CA ILE A 491 -17.19 27.02 20.85
C ILE A 491 -17.16 26.63 22.31
N PHE A 492 -16.72 27.54 23.16
CA PHE A 492 -16.53 27.28 24.58
C PHE A 492 -17.51 28.11 25.40
N TRP A 493 -18.15 27.48 26.37
CA TRP A 493 -19.00 28.18 27.32
C TRP A 493 -18.80 27.60 28.72
N ARG A 494 -19.16 28.40 29.72
CA ARG A 494 -19.07 27.99 31.12
C ARG A 494 -20.40 28.25 31.79
N ASN A 495 -20.92 27.24 32.47
CA ASN A 495 -22.09 27.40 33.31
C ASN A 495 -21.64 27.40 34.76
N GLU A 496 -22.62 27.40 35.69
CA GLU A 496 -22.29 27.43 37.10
C GLU A 496 -21.48 26.22 37.55
N GLU A 497 -21.49 25.13 36.78
CA GLU A 497 -20.88 23.88 37.21
C GLU A 497 -19.71 23.44 36.34
N SER A 498 -19.84 23.47 35.01
CA SER A 498 -18.86 22.87 34.13
C SER A 498 -18.44 23.85 33.04
N LEU A 499 -17.62 23.37 32.12
CA LEU A 499 -17.09 24.14 31.00
C LEU A 499 -17.21 23.33 29.71
N TRP A 500 -18.42 22.85 29.45
CA TRP A 500 -18.78 22.14 28.22
C TRP A 500 -18.12 22.75 26.99
N ARG A 501 -17.62 21.93 26.07
CA ARG A 501 -17.07 22.41 24.82
C ARG A 501 -17.76 21.69 23.66
N GLN A 502 -17.99 22.44 22.58
CA GLN A 502 -18.73 21.93 21.44
C GLN A 502 -18.01 22.32 20.16
N ASP A 503 -18.31 21.58 19.09
CA ASP A 503 -17.84 22.02 17.78
C ASP A 503 -18.79 23.05 17.20
N LEU A 504 -18.41 23.59 16.05
CA LEU A 504 -19.15 24.71 15.45
C LEU A 504 -20.58 24.32 15.09
N HIS A 505 -20.85 23.04 14.86
CA HIS A 505 -22.17 22.57 14.44
C HIS A 505 -22.97 21.97 15.58
N GLY A 506 -22.34 21.19 16.46
CA GLY A 506 -23.04 20.60 17.57
C GLY A 506 -22.98 19.09 17.59
N ARG A 507 -21.98 18.51 16.92
CA ARG A 507 -21.87 17.05 16.87
C ARG A 507 -21.23 16.51 18.15
N MET A 508 -19.99 16.93 18.44
CA MET A 508 -19.24 16.40 19.57
C MET A 508 -19.26 17.40 20.71
N ILE A 509 -19.76 16.97 21.86
CA ILE A 509 -19.76 17.77 23.09
C ILE A 509 -18.97 16.99 24.13
N HIS A 510 -17.90 17.60 24.64
CA HIS A 510 -16.95 16.92 25.52
C HIS A 510 -16.71 17.81 26.73
N ARG A 511 -16.68 17.21 27.91
CA ARG A 511 -16.45 17.97 29.13
C ARG A 511 -14.99 18.43 29.19
N LEU A 512 -14.78 19.53 29.88
CA LEU A 512 -13.43 20.06 30.10
C LEU A 512 -13.07 20.13 31.57
N LEU A 513 -13.96 20.61 32.41
CA LEU A 513 -13.65 20.81 33.82
C LEU A 513 -14.95 21.05 34.57
N ARG A 514 -15.04 20.51 35.79
CA ARG A 514 -16.23 20.70 36.62
C ARG A 514 -15.81 20.99 38.06
N ILE A 515 -15.97 22.24 38.47
CA ILE A 515 -15.75 22.67 39.85
C ILE A 515 -16.86 23.64 40.23
N ARG A 516 -16.72 24.23 41.43
CA ARG A 516 -17.73 25.16 41.93
C ARG A 516 -17.42 26.58 41.43
N GLN A 517 -18.34 27.13 40.63
CA GLN A 517 -18.33 28.52 40.19
C GLN A 517 -17.03 28.94 39.52
N PRO A 518 -16.74 28.48 38.31
CA PRO A 518 -15.56 28.98 37.61
C PRO A 518 -15.72 30.43 37.20
N GLY A 519 -14.60 31.13 37.10
CA GLY A 519 -14.61 32.54 36.76
C GLY A 519 -14.55 32.81 35.27
N TRP A 520 -13.56 33.58 34.83
CA TRP A 520 -13.46 34.00 33.44
C TRP A 520 -12.39 33.21 32.73
N PHE A 521 -12.60 32.96 31.44
CA PHE A 521 -11.61 32.31 30.58
C PHE A 521 -11.48 33.08 29.28
N LEU A 522 -10.28 33.13 28.74
CA LEU A 522 -9.93 34.01 27.63
C LEU A 522 -9.14 33.25 26.56
N VAL A 523 -9.71 32.14 26.09
CA VAL A 523 -9.12 31.32 25.03
C VAL A 523 -8.61 32.18 23.89
N GLN A 524 -7.38 31.92 23.43
CA GLN A 524 -6.81 32.59 22.28
C GLN A 524 -6.49 31.58 21.20
N PRO A 525 -6.77 31.90 19.94
CA PRO A 525 -6.74 30.88 18.88
C PRO A 525 -5.35 30.38 18.52
N GLN A 526 -4.28 31.08 18.91
CA GLN A 526 -2.94 30.71 18.49
C GLN A 526 -2.11 30.10 19.60
N HIS A 527 -2.74 29.57 20.65
CA HIS A 527 -1.98 28.98 21.74
C HIS A 527 -2.55 27.67 22.27
N PHE A 528 -3.76 27.27 21.89
CA PHE A 528 -4.33 25.97 22.22
C PHE A 528 -4.52 25.75 23.71
N ILE A 529 -4.45 26.79 24.54
CA ILE A 529 -4.70 26.63 25.97
C ILE A 529 -5.65 27.72 26.44
N ILE A 530 -6.47 27.37 27.42
CA ILE A 530 -7.42 28.29 28.02
C ILE A 530 -6.89 28.74 29.37
N HIS A 531 -7.08 30.02 29.68
CA HIS A 531 -6.68 30.59 30.96
C HIS A 531 -7.93 30.81 31.79
N LEU A 532 -8.24 29.85 32.66
CA LEU A 532 -9.47 29.86 33.46
C LEU A 532 -9.16 30.46 34.81
N MET A 533 -9.84 31.54 35.17
CA MET A 533 -9.60 32.20 36.44
C MET A 533 -10.63 31.76 37.47
N LEU A 534 -10.20 31.66 38.72
CA LEU A 534 -11.10 31.42 39.86
C LEU A 534 -10.83 32.46 40.94
N PRO A 535 -11.78 33.34 41.24
CA PRO A 535 -11.52 34.40 42.22
C PRO A 535 -11.63 33.93 43.67
N GLN A 536 -12.58 33.04 43.95
CA GLN A 536 -12.75 32.56 45.32
C GLN A 536 -11.58 31.69 45.75
N GLU A 537 -11.20 30.73 44.92
CA GLU A 537 -10.08 29.86 45.23
C GLU A 537 -8.73 30.50 44.90
N GLY A 538 -8.72 31.57 44.10
CA GLY A 538 -7.47 32.21 43.74
C GLY A 538 -6.49 31.30 43.05
N LYS A 539 -6.96 30.50 42.10
CA LYS A 539 -6.13 29.47 41.47
C LYS A 539 -5.66 29.85 40.08
N PHE A 540 -6.55 30.36 39.22
CA PHE A 540 -6.19 30.81 37.87
C PHE A 540 -5.55 29.66 37.08
N LEU A 541 -6.38 28.66 36.81
CA LEU A 541 -5.93 27.45 36.14
C LEU A 541 -5.45 27.76 34.73
N GLU A 542 -4.87 26.75 34.10
CA GLU A 542 -4.41 26.84 32.71
C GLU A 542 -4.80 25.58 31.95
N ILE A 543 -6.06 25.18 32.09
CA ILE A 543 -6.54 23.92 31.53
C ILE A 543 -6.35 23.91 30.02
N SER A 544 -5.83 22.79 29.51
CA SER A 544 -5.58 22.65 28.09
C SER A 544 -6.87 22.24 27.36
N TYR A 545 -6.77 22.09 26.04
CA TYR A 545 -7.96 21.89 25.21
C TYR A 545 -8.63 20.55 25.47
N ASP A 546 -7.87 19.52 25.82
CA ASP A 546 -8.41 18.17 25.94
C ASP A 546 -8.83 17.82 27.36
N GLY A 547 -8.79 18.76 28.29
CA GLY A 547 -9.17 18.47 29.65
C GLY A 547 -8.13 17.73 30.46
N GLY A 548 -6.88 17.76 30.02
CA GLY A 548 -5.80 17.07 30.72
C GLY A 548 -4.98 18.01 31.56
N PHE A 549 -3.85 18.45 31.02
CA PHE A 549 -2.90 19.33 31.67
C PHE A 549 -3.61 20.50 32.36
N LYS A 550 -3.53 20.57 33.69
CA LYS A 550 -4.41 21.41 34.47
C LYS A 550 -3.70 22.09 35.64
N HIS A 551 -2.40 22.31 35.55
CA HIS A 551 -1.67 22.79 36.72
C HIS A 551 -2.00 24.25 37.01
N PRO A 552 -2.41 24.59 38.22
CA PRO A 552 -2.73 25.98 38.54
C PRO A 552 -1.49 26.84 38.69
N LEU A 553 -1.70 28.14 38.60
CA LEU A 553 -0.66 29.15 38.66
C LEU A 553 -0.86 30.03 39.87
N PRO A 554 0.19 30.68 40.37
CA PRO A 554 0.00 31.60 41.50
C PRO A 554 -0.70 32.88 41.07
N LEU A 555 -1.98 32.99 41.43
CA LEU A 555 -2.73 34.19 41.12
C LEU A 555 -2.16 35.37 41.91
N PRO A 556 -1.92 36.51 41.28
CA PRO A 556 -1.30 37.64 41.98
C PRO A 556 -2.25 38.26 42.99
N PRO A 557 -1.83 38.36 44.25
CA PRO A 557 -2.70 38.96 45.27
C PRO A 557 -2.89 40.44 45.02
N PRO A 558 -3.99 41.02 45.53
CA PRO A 558 -4.22 42.46 45.32
C PRO A 558 -3.12 43.29 45.95
N SER A 559 -2.84 44.44 45.32
CA SER A 559 -1.81 45.36 45.77
C SER A 559 -2.33 46.40 46.76
N ASN A 560 -3.43 46.11 47.46
CA ASN A 560 -3.98 47.04 48.43
C ASN A 560 -4.47 46.30 49.67
N SER A 569 -10.04 41.97 47.71
CA SER A 569 -10.97 42.23 46.62
C SER A 569 -11.06 41.03 45.68
N HIS A 570 -11.88 41.16 44.64
CA HIS A 570 -12.09 40.09 43.69
C HIS A 570 -12.14 40.66 42.27
N TRP A 571 -11.76 39.84 41.30
CA TRP A 571 -11.82 40.18 39.90
C TRP A 571 -12.78 39.24 39.18
N GLN A 572 -13.32 39.71 38.06
CA GLN A 572 -14.26 38.93 37.28
C GLN A 572 -13.79 38.59 35.88
N SER A 573 -12.69 39.18 35.42
CA SER A 573 -12.17 38.91 34.07
C SER A 573 -10.69 39.30 34.05
N PHE A 574 -10.08 39.21 32.88
CA PHE A 574 -8.69 39.60 32.69
C PHE A 574 -8.42 39.67 31.19
N ALA A 575 -7.23 40.14 30.84
CA ALA A 575 -6.75 40.14 29.47
C ALA A 575 -5.32 39.62 29.45
N LEU A 576 -4.95 38.97 28.37
CA LEU A 576 -3.64 38.32 28.25
C LEU A 576 -2.81 39.06 27.22
N LEU A 577 -1.92 39.92 27.70
CA LEU A 577 -0.96 40.61 26.84
C LEU A 577 0.32 39.80 26.85
N GLY A 578 0.40 38.82 25.95
CA GLY A 578 1.52 37.91 25.96
C GLY A 578 1.55 37.11 27.24
N ARG A 579 2.73 37.00 27.84
CA ARG A 579 2.84 36.34 29.14
C ARG A 579 2.31 37.20 30.27
N SER A 580 2.39 38.52 30.12
CA SER A 580 1.90 39.42 31.16
C SER A 580 0.39 39.30 31.31
N LEU A 581 -0.08 39.49 32.54
CA LEU A 581 -1.49 39.40 32.87
C LEU A 581 -2.06 40.80 33.07
N LEU A 582 -3.16 41.09 32.40
CA LEU A 582 -3.84 42.38 32.53
C LEU A 582 -5.04 42.18 33.45
N LEU A 583 -4.92 42.65 34.69
CA LEU A 583 -5.92 42.39 35.72
C LEU A 583 -6.79 43.63 35.93
N PRO A 584 -8.07 43.59 35.56
CA PRO A 584 -8.93 44.76 35.75
C PRO A 584 -9.53 44.86 37.15
N ASP A 585 -8.79 45.43 38.09
CA ASP A 585 -9.33 45.65 39.43
C ASP A 585 -10.35 46.78 39.39
N SER A 586 -11.14 46.88 40.46
CA SER A 586 -12.20 47.87 40.55
C SER A 586 -11.61 49.25 40.82
N GLY A 587 -11.88 50.20 39.93
CA GLY A 587 -11.38 51.55 40.08
C GLY A 587 -9.89 51.71 39.82
N GLN A 588 -9.23 50.66 39.33
CA GLN A 588 -7.79 50.70 39.09
C GLN A 588 -7.43 49.54 38.19
N LEU A 589 -6.77 49.84 37.08
CA LEU A 589 -6.35 48.82 36.12
C LEU A 589 -4.85 48.62 36.28
N ILE A 590 -4.45 47.41 36.70
CA ILE A 590 -3.05 47.07 36.92
C ILE A 590 -2.58 46.21 35.77
N LEU A 591 -1.33 46.39 35.37
CA LEU A 591 -0.69 45.62 34.31
C LEU A 591 0.49 44.92 34.96
N VAL A 592 0.25 43.70 35.43
CA VAL A 592 1.23 42.98 36.24
C VAL A 592 1.96 41.96 35.39
N GLU A 593 3.29 42.01 35.42
CA GLU A 593 4.11 40.97 34.81
C GLU A 593 3.99 39.72 35.67
N GLN A 594 3.23 38.74 35.18
CA GLN A 594 2.90 37.58 36.00
C GLN A 594 4.11 36.67 36.17
N GLN A 595 4.84 36.85 37.28
CA GLN A 595 5.95 35.98 37.65
C GLN A 595 5.75 35.39 39.04
N GLY A 596 4.51 35.30 39.51
CA GLY A 596 4.24 34.82 40.85
C GLY A 596 4.02 35.94 41.84
N GLN A 597 5.05 36.25 42.62
CA GLN A 597 4.99 37.31 43.62
C GLN A 597 5.31 38.68 43.06
N ALA A 598 5.20 38.86 41.74
CA ALA A 598 5.49 40.13 41.10
C ALA A 598 4.25 41.01 40.95
N ALA A 599 3.31 40.92 41.89
CA ALA A 599 2.07 41.68 41.79
C ALA A 599 2.29 43.16 42.07
N SER A 600 2.94 43.85 41.14
CA SER A 600 3.17 45.29 41.24
C SER A 600 2.68 45.96 39.97
N PRO A 601 1.91 47.04 40.09
CA PRO A 601 1.34 47.68 38.89
C PRO A 601 2.39 48.40 38.06
N SER A 602 2.74 47.82 36.90
CA SER A 602 3.65 48.48 35.99
C SER A 602 3.05 49.76 35.45
N ALA A 603 1.74 49.77 35.21
CA ALA A 603 1.03 50.95 34.74
C ALA A 603 -0.37 50.97 35.34
N SER A 604 -0.97 52.15 35.37
CA SER A 604 -2.30 52.33 35.91
C SER A 604 -3.06 53.34 35.08
N TRP A 605 -4.36 53.09 34.91
CA TRP A 605 -5.23 54.03 34.21
C TRP A 605 -6.49 54.23 35.04
N PRO A 606 -6.66 55.40 35.67
CA PRO A 606 -7.90 55.66 36.40
C PRO A 606 -9.16 55.41 35.58
N LEU A 607 -10.16 54.88 36.27
CA LEU A 607 -11.48 54.64 35.69
C LEU A 607 -12.56 55.24 36.58
N LYS A 608 -12.35 56.50 36.97
CA LYS A 608 -13.27 57.15 37.90
C LYS A 608 -14.68 57.27 37.33
N ASN A 609 -14.84 57.17 36.01
CA ASN A 609 -16.16 57.15 35.41
C ASN A 609 -16.83 55.79 35.48
N LEU A 610 -16.12 54.76 35.94
CA LEU A 610 -16.66 53.40 36.00
C LEU A 610 -15.97 52.64 37.11
N PRO A 611 -16.60 52.53 38.28
CA PRO A 611 -16.01 51.80 39.41
C PRO A 611 -16.40 50.34 39.54
N ASP A 612 -17.10 49.78 38.55
CA ASP A 612 -17.63 48.41 38.66
C ASP A 612 -17.34 47.62 37.39
N CYS A 613 -16.09 47.64 36.94
CA CYS A 613 -15.71 46.88 35.78
C CYS A 613 -15.85 45.38 36.05
N TRP A 614 -16.35 44.65 35.05
CA TRP A 614 -16.56 43.21 35.19
C TRP A 614 -16.04 42.40 34.02
N ALA A 615 -15.77 43.01 32.87
CA ALA A 615 -15.28 42.27 31.71
C ALA A 615 -14.34 43.16 30.92
N VAL A 616 -13.23 42.59 30.46
CA VAL A 616 -12.27 43.30 29.64
C VAL A 616 -11.84 42.39 28.50
N ILE A 617 -11.73 42.97 27.30
CA ILE A 617 -11.31 42.26 26.10
C ILE A 617 -10.18 43.03 25.46
N LEU A 618 -9.10 42.33 25.11
CA LEU A 618 -7.96 42.97 24.47
C LEU A 618 -8.29 43.28 23.02
N LEU A 619 -8.05 44.53 22.62
CA LEU A 619 -8.36 44.98 21.26
C LEU A 619 -7.11 44.88 20.40
N VAL A 620 -6.70 43.65 20.12
CA VAL A 620 -5.50 43.40 19.32
C VAL A 620 -5.90 42.63 18.07
N PRO A 621 -5.39 42.99 16.89
CA PRO A 621 -5.74 42.23 15.68
C PRO A 621 -5.22 40.81 15.67
N GLU A 622 -4.24 40.49 16.51
CA GLU A 622 -3.70 39.14 16.57
C GLU A 622 -4.67 38.15 17.21
N SER A 623 -5.54 38.62 18.10
CA SER A 623 -6.47 37.73 18.79
C SER A 623 -7.55 37.17 17.89
N GLN A 624 -7.72 37.71 16.69
CA GLN A 624 -8.67 37.19 15.71
C GLN A 624 -7.96 37.01 14.38
N PRO A 625 -7.02 36.08 14.30
CA PRO A 625 -6.26 35.91 13.06
C PRO A 625 -7.09 35.26 11.97
N LEU A 626 -6.70 35.53 10.73
CA LEU A 626 -7.41 34.97 9.59
C LEU A 626 -7.12 33.49 9.41
N THR A 627 -5.88 33.08 9.68
CA THR A 627 -5.49 31.68 9.61
C THR A 627 -4.35 31.42 10.59
N SER A 628 -3.90 30.16 10.62
CA SER A 628 -2.99 29.71 11.66
C SER A 628 -1.73 29.07 11.07
N ALA A 629 -0.96 28.41 11.93
CA ALA A 629 0.33 27.82 11.57
C ALA A 629 0.27 27.08 10.23
N GLY A 630 1.23 27.39 9.36
CA GLY A 630 1.28 26.82 8.04
C GLY A 630 1.84 25.42 7.99
N GLY A 631 1.04 24.44 8.41
CA GLY A 631 1.45 23.04 8.33
C GLY A 631 1.86 22.64 6.93
N LYS A 632 3.07 22.11 6.80
CA LYS A 632 3.61 21.73 5.50
C LYS A 632 2.84 20.56 4.91
N PRO A 633 2.68 20.52 3.59
CA PRO A 633 2.08 19.34 2.96
C PRO A 633 2.98 18.12 3.14
N HIS A 634 2.34 16.95 3.23
CA HIS A 634 3.05 15.72 3.50
C HIS A 634 2.68 14.66 2.47
N SER A 635 3.55 13.67 2.34
CA SER A 635 3.36 12.54 1.42
C SER A 635 3.27 13.02 -0.02
N LEU A 636 4.31 13.75 -0.44
CA LEU A 636 4.39 14.20 -1.82
C LEU A 636 4.62 13.02 -2.74
N LYS A 637 3.82 12.94 -3.81
CA LYS A 637 3.91 11.86 -4.78
C LYS A 637 3.88 12.45 -6.18
N ALA A 638 4.75 11.94 -7.04
CA ALA A 638 4.86 12.41 -8.41
C ALA A 638 4.67 11.25 -9.37
N LEU A 639 3.81 11.45 -10.37
CA LEU A 639 3.63 10.50 -11.47
C LEU A 639 3.96 11.23 -12.77
N LEU A 640 4.89 10.67 -13.54
CA LEU A 640 5.39 11.30 -14.74
C LEU A 640 5.11 10.43 -15.96
N GLY A 641 4.93 11.09 -17.10
CA GLY A 641 4.67 10.43 -18.37
C GLY A 641 5.61 10.91 -19.45
N ALA A 642 5.06 11.10 -20.64
CA ALA A 642 5.85 11.56 -21.78
C ALA A 642 6.15 13.05 -21.66
N GLN A 643 5.11 13.89 -21.65
CA GLN A 643 5.29 15.32 -21.51
C GLN A 643 4.34 15.91 -20.47
N ALA A 644 3.63 15.05 -19.74
CA ALA A 644 2.69 15.48 -18.73
C ALA A 644 2.94 14.70 -17.45
N ALA A 645 2.56 15.30 -16.32
CA ALA A 645 2.75 14.68 -15.02
C ALA A 645 1.50 14.89 -14.18
N LYS A 646 1.28 13.97 -13.24
CA LYS A 646 0.17 14.04 -12.30
C LYS A 646 0.76 14.08 -10.89
N ILE A 647 0.89 15.28 -10.34
CA ILE A 647 1.46 15.48 -9.02
C ILE A 647 0.33 15.43 -8.00
N SER A 648 0.44 14.52 -7.03
CA SER A 648 -0.58 14.36 -5.99
C SER A 648 0.10 14.38 -4.63
N TRP A 649 -0.43 15.20 -3.73
CA TRP A 649 0.12 15.32 -2.39
C TRP A 649 -0.99 15.67 -1.41
N LYS A 650 -0.85 15.16 -0.20
CA LYS A 650 -1.95 15.17 0.77
C LYS A 650 -2.06 16.51 1.48
N GLU A 651 -3.28 16.80 1.92
CA GLU A 651 -3.52 17.98 2.73
C GLU A 651 -2.75 17.87 4.05
N PRO A 652 -2.31 19.00 4.61
CA PRO A 652 -1.68 18.94 5.94
C PRO A 652 -2.60 18.30 6.95
N GLU A 653 -2.04 17.41 7.78
CA GLU A 653 -2.85 16.68 8.73
C GLU A 653 -3.30 17.58 9.88
N ARG A 654 -4.54 17.37 10.31
CA ARG A 654 -5.10 18.15 11.40
C ARG A 654 -4.67 17.59 12.74
N ASN A 655 -4.63 18.45 13.74
CA ASN A 655 -4.36 17.88 15.04
C ASN A 655 -5.66 17.71 15.83
N PRO A 656 -5.70 16.79 16.79
CA PRO A 656 -6.97 16.50 17.48
C PRO A 656 -7.54 17.69 18.24
N TYR A 657 -6.76 18.74 18.49
CA TYR A 657 -7.28 19.87 19.24
C TYR A 657 -8.23 20.72 18.40
N GLN A 658 -8.12 20.67 17.08
CA GLN A 658 -9.08 21.35 16.22
C GLN A 658 -10.10 20.35 15.69
N SER A 659 -11.32 20.81 15.53
CA SER A 659 -12.45 19.96 15.17
C SER A 659 -12.49 19.75 13.67
N ALA A 660 -13.52 19.01 13.22
CA ALA A 660 -13.71 18.79 11.79
C ALA A 660 -14.01 20.10 11.07
N ASP A 661 -14.87 20.93 11.66
CA ASP A 661 -15.29 22.19 11.05
C ASP A 661 -14.24 23.29 11.21
N ALA A 662 -13.02 22.94 11.59
CA ALA A 662 -11.96 23.93 11.74
C ALA A 662 -11.62 24.55 10.39
N ALA A 663 -11.24 25.82 10.41
CA ALA A 663 -10.86 26.50 9.19
C ALA A 663 -9.55 25.94 8.65
N ARG A 664 -9.55 25.56 7.37
CA ARG A 664 -8.37 24.97 6.75
C ARG A 664 -8.16 25.46 5.33
N SER A 665 -8.75 26.60 4.96
CA SER A 665 -8.57 27.14 3.62
C SER A 665 -7.10 27.33 3.32
N TRP A 666 -6.64 26.75 2.21
CA TRP A 666 -5.21 26.67 1.93
C TRP A 666 -4.96 27.08 0.48
N SER A 667 -4.03 28.01 0.29
CA SER A 667 -3.49 28.29 -1.03
C SER A 667 -2.20 27.49 -1.22
N TYR A 668 -1.98 27.04 -2.45
CA TYR A 668 -0.87 26.14 -2.73
C TYR A 668 0.09 26.79 -3.72
N GLU A 669 1.32 26.28 -3.74
CA GLU A 669 2.29 26.67 -4.75
C GLU A 669 3.31 25.55 -4.89
N LEU A 670 3.89 25.46 -6.07
CA LEU A 670 4.78 24.35 -6.42
C LEU A 670 5.85 24.87 -7.35
N GLU A 671 7.11 24.55 -7.06
CA GLU A 671 8.22 24.94 -7.90
C GLU A 671 8.83 23.72 -8.56
N VAL A 672 9.29 23.89 -9.80
CA VAL A 672 9.91 22.83 -10.57
C VAL A 672 11.23 23.35 -11.13
N LEU A 673 12.33 22.71 -10.76
CA LEU A 673 13.65 23.10 -11.21
C LEU A 673 14.40 21.89 -11.71
N ASP A 674 15.31 22.11 -12.66
CA ASP A 674 16.14 21.05 -13.18
C ASP A 674 17.38 20.87 -12.31
N VAL A 675 17.84 19.63 -12.22
CA VAL A 675 19.10 19.35 -11.51
C VAL A 675 20.28 19.87 -12.31
N ALA A 676 20.23 19.73 -13.64
CA ALA A 676 21.33 20.17 -14.50
C ALA A 676 21.11 21.57 -15.04
N SER A 677 19.99 21.79 -15.75
CA SER A 677 19.73 23.08 -16.36
C SER A 677 19.39 24.16 -15.34
N GLN A 678 18.89 23.76 -14.16
CA GLN A 678 18.58 24.70 -13.08
C GLN A 678 17.57 25.76 -13.53
N SER A 679 16.60 25.36 -14.34
CA SER A 679 15.52 26.24 -14.76
C SER A 679 14.36 26.07 -13.77
N ALA A 680 14.22 27.02 -12.87
CA ALA A 680 13.22 26.96 -11.81
C ALA A 680 12.04 27.86 -12.13
N PHE A 681 10.84 27.36 -11.89
CA PHE A 681 9.63 28.16 -12.07
C PHE A 681 8.57 27.65 -11.11
N SER A 682 7.83 28.58 -10.51
CA SER A 682 6.82 28.26 -9.51
C SER A 682 5.44 28.64 -10.03
N ILE A 683 4.44 27.82 -9.72
CA ILE A 683 3.08 28.02 -10.18
C ILE A 683 2.20 28.21 -8.96
N ARG A 684 1.61 29.39 -8.82
CA ARG A 684 0.75 29.73 -7.70
C ARG A 684 -0.70 29.45 -8.04
N ASN A 685 -1.61 30.03 -7.26
CA ASN A 685 -3.08 30.02 -7.47
C ASN A 685 -3.58 28.64 -7.89
N ILE A 686 -3.16 27.66 -7.10
CA ILE A 686 -3.52 26.26 -7.29
C ILE A 686 -4.21 25.76 -6.03
N ARG A 687 -5.29 25.00 -6.21
CA ARG A 687 -6.04 24.43 -5.11
C ARG A 687 -6.31 22.95 -5.39
N GLY A 688 -6.53 22.20 -4.31
CA GLY A 688 -6.77 20.79 -4.42
C GLY A 688 -5.52 19.97 -4.17
N PRO A 689 -5.68 18.71 -3.77
CA PRO A 689 -4.53 17.86 -3.49
C PRO A 689 -3.92 17.21 -4.72
N ILE A 690 -4.55 17.32 -5.89
CA ILE A 690 -4.08 16.69 -7.11
C ILE A 690 -3.90 17.77 -8.17
N PHE A 691 -2.75 17.78 -8.82
CA PHE A 691 -2.45 18.71 -9.89
C PHE A 691 -1.80 17.98 -11.06
N GLY A 692 -2.01 18.49 -12.26
CA GLY A 692 -1.41 17.93 -13.44
C GLY A 692 -0.45 18.87 -14.15
N LEU A 693 0.83 18.53 -14.14
CA LEU A 693 1.81 19.30 -14.89
C LEU A 693 1.58 19.15 -16.38
N GLN A 694 1.90 20.20 -17.14
CA GLN A 694 1.73 20.20 -18.59
C GLN A 694 2.95 20.78 -19.26
N ARG A 695 3.33 20.21 -20.41
CA ARG A 695 4.37 20.75 -21.28
C ARG A 695 5.70 20.86 -20.54
N LEU A 696 6.22 19.69 -20.14
CA LEU A 696 7.59 19.61 -19.66
C LEU A 696 8.55 19.79 -20.84
N GLN A 697 9.62 20.55 -20.61
CA GLN A 697 10.57 20.82 -21.69
C GLN A 697 11.60 19.70 -21.78
N PRO A 698 12.05 19.36 -22.98
CA PRO A 698 12.98 18.24 -23.15
C PRO A 698 14.36 18.56 -22.59
N ASP A 699 15.15 17.49 -22.44
CA ASP A 699 16.49 17.55 -21.86
C ASP A 699 16.44 18.16 -20.45
N ASN A 700 15.73 17.46 -19.57
CA ASN A 700 15.41 18.03 -18.27
C ASN A 700 15.06 16.91 -17.29
N LEU A 701 15.40 17.16 -16.02
CA LEU A 701 14.90 16.39 -14.89
C LEU A 701 14.12 17.33 -13.99
N TYR A 702 13.08 16.81 -13.34
CA TYR A 702 12.08 17.65 -12.72
C TYR A 702 11.94 17.32 -11.26
N GLN A 703 13.03 17.27 -10.51
CA GLN A 703 12.92 17.12 -9.06
C GLN A 703 12.01 18.21 -8.50
N LEU A 704 11.08 17.80 -7.64
CA LEU A 704 9.89 18.59 -7.37
C LEU A 704 9.64 18.69 -5.86
N ARG A 705 9.10 19.83 -5.46
CA ARG A 705 8.81 20.08 -4.05
C ARG A 705 7.70 21.13 -3.96
N VAL A 706 6.77 20.92 -3.03
CA VAL A 706 5.53 21.68 -2.98
C VAL A 706 5.40 22.38 -1.62
N ARG A 707 4.91 23.62 -1.67
CA ARG A 707 4.70 24.41 -0.46
C ARG A 707 3.22 24.76 -0.33
N ALA A 708 2.82 25.10 0.90
CA ALA A 708 1.46 25.52 1.19
C ALA A 708 1.45 26.97 1.62
N ILE A 709 0.58 27.77 1.03
CA ILE A 709 0.51 29.21 1.26
C ILE A 709 -0.75 29.52 2.04
N ASN A 710 -0.62 30.29 3.10
CA ASN A 710 -1.79 30.64 3.91
C ASN A 710 -2.67 31.65 3.17
N VAL A 711 -3.91 31.78 3.66
CA VAL A 711 -4.87 32.65 2.99
C VAL A 711 -4.42 34.10 3.04
N ASP A 712 -3.59 34.46 4.01
CA ASP A 712 -3.07 35.82 4.06
C ASP A 712 -1.99 36.03 3.01
N GLY A 713 -1.24 35.00 2.66
CA GLY A 713 -0.19 35.11 1.66
C GLY A 713 1.20 35.19 2.24
N GLU A 714 1.47 34.37 3.26
CA GLU A 714 2.80 34.30 3.85
C GLU A 714 3.48 33.02 3.44
N PRO A 715 4.79 33.06 3.15
CA PRO A 715 5.51 31.85 2.73
C PRO A 715 5.37 30.70 3.72
N GLY A 716 4.99 29.52 3.22
CA GLY A 716 4.85 28.35 4.04
C GLY A 716 6.16 27.62 4.22
N GLU A 717 6.04 26.38 4.69
CA GLU A 717 7.21 25.54 4.94
C GLU A 717 7.43 24.61 3.75
N TRP A 718 8.67 24.55 3.27
CA TRP A 718 9.01 23.67 2.17
C TRP A 718 8.92 22.21 2.59
N THR A 719 8.59 21.34 1.64
CA THR A 719 8.57 19.92 1.88
C THR A 719 9.87 19.30 1.39
N GLU A 720 9.95 17.97 1.43
CA GLU A 720 11.14 17.26 1.00
C GLU A 720 11.19 17.15 -0.52
N PRO A 721 12.40 17.17 -1.10
CA PRO A 721 12.52 16.97 -2.55
C PRO A 721 12.12 15.57 -2.95
N LEU A 722 11.76 15.42 -4.22
CA LEU A 722 11.31 14.15 -4.76
C LEU A 722 11.87 13.95 -6.16
N ALA A 723 12.20 12.72 -6.51
CA ALA A 723 12.86 12.42 -7.76
C ALA A 723 11.88 12.54 -8.93
N ALA A 724 12.43 12.41 -10.14
CA ALA A 724 11.65 12.56 -11.36
C ALA A 724 12.17 11.59 -12.42
N ARG A 725 11.78 11.83 -13.67
CA ARG A 725 12.07 10.93 -14.77
C ARG A 725 12.16 11.71 -16.07
N THR A 726 13.08 11.30 -16.95
CA THR A 726 13.40 12.05 -18.16
C THR A 726 12.68 11.48 -19.38
N TRP A 727 13.02 12.02 -20.55
CA TRP A 727 12.28 11.68 -21.77
C TRP A 727 12.54 10.22 -22.17
N PRO A 728 11.51 9.37 -22.18
CA PRO A 728 11.75 7.98 -22.60
C PRO A 728 12.00 7.86 -24.10
N LEU A 729 10.96 8.01 -24.91
CA LEU A 729 11.11 8.37 -26.31
C LEU A 729 10.00 9.31 -26.77
N GLY A 730 8.78 9.03 -26.32
CA GLY A 730 7.59 9.56 -26.93
C GLY A 730 6.36 8.70 -26.66
N PRO A 731 5.63 8.33 -27.72
CA PRO A 731 4.35 7.63 -27.53
C PRO A 731 4.49 6.15 -27.12
N HIS A 732 3.56 5.68 -26.29
CA HIS A 732 3.49 4.28 -25.86
C HIS A 732 2.03 3.86 -25.79
N ARG A 733 1.82 2.53 -25.70
CA ARG A 733 0.48 1.96 -25.67
C ARG A 733 0.43 0.81 -24.67
N LEU A 734 -0.11 1.08 -23.48
CA LEU A 734 -0.27 0.08 -22.44
C LEU A 734 -1.63 -0.58 -22.55
N ARG A 735 -1.67 -1.89 -22.38
CA ARG A 735 -2.91 -2.65 -22.41
C ARG A 735 -3.28 -3.07 -20.99
N TRP A 736 -4.50 -2.73 -20.58
CA TRP A 736 -5.02 -3.11 -19.28
C TRP A 736 -6.08 -4.19 -19.46
N ALA A 737 -5.93 -5.30 -18.74
CA ALA A 737 -6.85 -6.42 -18.80
C ALA A 737 -7.65 -6.48 -17.51
N SER A 738 -8.91 -6.07 -17.58
CA SER A 738 -9.78 -6.09 -16.41
C SER A 738 -10.22 -7.52 -16.09
N ARG A 739 -10.52 -7.75 -14.80
CA ARG A 739 -10.92 -9.08 -14.37
C ARG A 739 -12.23 -9.53 -14.99
N GLN A 740 -13.12 -8.60 -15.32
CA GLN A 740 -14.36 -8.94 -16.02
C GLN A 740 -14.11 -9.30 -17.49
N GLY A 741 -12.91 -9.09 -17.99
CA GLY A 741 -12.56 -9.45 -19.36
C GLY A 741 -12.47 -8.30 -20.34
N SER A 742 -12.71 -7.07 -19.90
CA SER A 742 -12.60 -5.91 -20.78
C SER A 742 -11.14 -5.49 -20.88
N VAL A 743 -10.67 -5.30 -22.12
CA VAL A 743 -9.31 -4.85 -22.39
C VAL A 743 -9.38 -3.37 -22.73
N ILE A 744 -8.50 -2.58 -22.11
CA ILE A 744 -8.51 -1.13 -22.27
C ILE A 744 -7.10 -0.67 -22.60
N HIS A 745 -6.98 0.12 -23.66
CA HIS A 745 -5.71 0.72 -24.06
C HIS A 745 -5.65 2.14 -23.54
N THR A 746 -4.54 2.51 -22.91
CA THR A 746 -4.35 3.82 -22.33
C THR A 746 -2.99 4.38 -22.74
N ASN A 747 -2.71 5.60 -22.30
CA ASN A 747 -1.41 6.21 -22.49
C ASN A 747 -0.51 5.83 -21.31
N GLU A 748 0.64 6.49 -21.19
CA GLU A 748 1.58 6.19 -20.11
C GLU A 748 0.94 6.43 -18.75
N LEU A 749 0.23 7.55 -18.59
CA LEU A 749 -0.38 7.89 -17.32
C LEU A 749 -1.77 7.31 -17.14
N GLY A 750 -2.38 6.78 -18.19
CA GLY A 750 -3.72 6.24 -18.13
C GLY A 750 -4.78 7.08 -18.81
N GLU A 751 -4.46 8.30 -19.25
CA GLU A 751 -5.42 9.07 -20.00
C GLU A 751 -5.40 8.67 -21.47
N GLY A 752 -6.20 9.35 -22.28
CA GLY A 752 -6.33 8.98 -23.68
C GLY A 752 -6.93 7.61 -23.87
N LEU A 753 -7.96 7.29 -23.11
CA LEU A 753 -8.53 5.94 -23.13
C LEU A 753 -9.11 5.62 -24.51
N GLU A 754 -8.82 4.42 -24.99
CA GLU A 754 -9.35 3.91 -26.26
C GLU A 754 -9.74 2.46 -26.03
N VAL A 755 -10.98 2.24 -25.62
CA VAL A 755 -11.44 0.87 -25.34
C VAL A 755 -11.53 0.09 -26.65
N GLN A 756 -11.60 -1.23 -26.52
CA GLN A 756 -11.66 -2.12 -27.66
C GLN A 756 -13.04 -2.77 -27.75
N GLN A 757 -13.50 -2.97 -28.99
CA GLN A 757 -14.85 -3.45 -29.22
C GLN A 757 -15.05 -4.91 -28.79
N GLU A 758 -13.98 -5.69 -28.70
CA GLU A 758 -14.09 -7.10 -28.39
C GLU A 758 -13.92 -7.36 -26.91
N GLN A 759 -14.47 -8.48 -26.45
CA GLN A 759 -14.51 -8.85 -25.04
C GLN A 759 -13.75 -10.16 -24.83
N LEU A 760 -12.99 -10.23 -23.75
CA LEU A 760 -12.23 -11.41 -23.39
C LEU A 760 -12.93 -12.17 -22.27
N GLU A 761 -12.40 -13.35 -21.96
CA GLU A 761 -12.99 -14.20 -20.94
C GLU A 761 -12.62 -13.68 -19.56
N ARG A 762 -13.04 -14.41 -18.52
CA ARG A 762 -12.85 -13.95 -17.16
C ARG A 762 -11.41 -14.11 -16.70
N LEU A 763 -10.91 -13.09 -16.03
CA LEU A 763 -9.58 -13.08 -15.42
C LEU A 763 -8.48 -13.39 -16.45
N PRO A 764 -8.27 -12.54 -17.43
CA PRO A 764 -7.25 -12.80 -18.45
C PRO A 764 -5.85 -12.46 -17.96
N GLY A 765 -4.87 -13.00 -18.66
CA GLY A 765 -3.48 -12.69 -18.41
C GLY A 765 -2.87 -11.94 -19.57
N PRO A 766 -1.57 -11.66 -19.49
CA PRO A 766 -0.92 -10.92 -20.59
C PRO A 766 -1.03 -11.70 -21.89
N MET A 767 -1.37 -11.00 -22.96
CA MET A 767 -1.73 -11.65 -24.21
C MET A 767 -0.65 -11.36 -25.25
N THR A 768 -0.19 -12.41 -25.91
CA THR A 768 0.99 -12.35 -26.77
C THR A 768 0.59 -12.36 -28.24
N MET A 769 1.07 -11.36 -28.98
CA MET A 769 0.76 -11.23 -30.40
C MET A 769 1.57 -12.23 -31.21
N VAL A 770 0.87 -13.16 -31.87
CA VAL A 770 1.52 -13.96 -32.90
C VAL A 770 1.86 -13.09 -34.10
N ASN A 771 0.90 -12.29 -34.56
CA ASN A 771 1.10 -11.30 -35.59
C ASN A 771 0.27 -10.08 -35.20
N GLU A 772 0.01 -9.20 -36.15
CA GLU A 772 -0.82 -8.03 -35.85
C GLU A 772 -2.29 -8.39 -35.64
N SER A 773 -2.69 -9.63 -35.91
CA SER A 773 -4.10 -10.02 -35.88
C SER A 773 -4.44 -10.99 -34.75
N VAL A 774 -3.76 -12.13 -34.69
CA VAL A 774 -4.14 -13.21 -33.77
C VAL A 774 -3.24 -13.16 -32.54
N GLY A 775 -3.84 -13.27 -31.37
CA GLY A 775 -3.08 -13.27 -30.13
C GLY A 775 -3.55 -14.36 -29.19
N TYR A 776 -2.59 -14.94 -28.48
CA TYR A 776 -2.83 -15.93 -27.44
C TYR A 776 -2.84 -15.26 -26.08
N TYR A 777 -3.43 -15.93 -25.09
CA TYR A 777 -3.41 -15.43 -23.73
C TYR A 777 -3.73 -16.57 -22.78
N VAL A 778 -3.52 -16.33 -21.50
CA VAL A 778 -3.76 -17.32 -20.45
C VAL A 778 -4.60 -16.68 -19.37
N THR A 779 -5.67 -17.35 -18.97
CA THR A 779 -6.60 -16.81 -17.99
C THR A 779 -6.19 -17.24 -16.58
N GLY A 780 -6.94 -16.75 -15.59
CA GLY A 780 -6.56 -16.91 -14.20
C GLY A 780 -6.62 -18.34 -13.68
N ASP A 781 -7.44 -19.19 -14.29
CA ASP A 781 -7.60 -20.56 -13.81
C ASP A 781 -6.80 -21.57 -14.61
N GLY A 782 -5.86 -21.11 -15.44
CA GLY A 782 -5.03 -22.01 -16.19
C GLY A 782 -5.60 -22.45 -17.52
N LEU A 783 -6.28 -21.56 -18.22
CA LEU A 783 -6.95 -21.87 -19.47
C LEU A 783 -6.59 -20.81 -20.51
N LEU A 784 -6.31 -21.26 -21.74
CA LEU A 784 -5.94 -20.35 -22.80
C LEU A 784 -7.02 -20.29 -23.88
N HIS A 785 -7.13 -19.13 -24.53
CA HIS A 785 -8.04 -18.95 -25.65
C HIS A 785 -7.29 -18.25 -26.77
N CYS A 786 -7.57 -18.68 -28.00
CA CYS A 786 -7.05 -18.01 -29.19
C CYS A 786 -8.12 -17.08 -29.73
N ILE A 787 -7.81 -15.79 -29.80
CA ILE A 787 -8.76 -14.79 -30.24
C ILE A 787 -8.18 -14.04 -31.44
N ASN A 788 -9.08 -13.44 -32.22
CA ASN A 788 -8.70 -12.61 -33.35
C ASN A 788 -9.25 -11.22 -33.13
N LEU A 789 -8.36 -10.22 -33.17
CA LEU A 789 -8.74 -8.86 -32.81
C LEU A 789 -9.54 -8.17 -33.90
N VAL A 790 -9.21 -8.42 -35.17
CA VAL A 790 -9.77 -7.68 -36.28
C VAL A 790 -10.77 -8.51 -37.09
N HIS A 791 -10.46 -9.79 -37.32
CA HIS A 791 -11.29 -10.65 -38.16
C HIS A 791 -11.66 -11.88 -37.36
N SER A 792 -12.75 -11.78 -36.58
CA SER A 792 -13.15 -12.86 -35.69
C SER A 792 -13.67 -14.08 -36.45
N GLN A 793 -14.15 -13.90 -37.68
CA GLN A 793 -14.70 -15.04 -38.41
C GLN A 793 -13.61 -16.01 -38.87
N TRP A 794 -12.38 -15.53 -39.01
CA TRP A 794 -11.28 -16.42 -39.38
C TRP A 794 -11.02 -17.43 -38.27
N GLY A 795 -10.85 -18.69 -38.66
CA GLY A 795 -10.64 -19.73 -37.67
C GLY A 795 -9.24 -19.66 -37.07
N CYS A 796 -9.17 -19.86 -35.76
CA CYS A 796 -7.89 -19.92 -35.07
C CYS A 796 -7.18 -21.23 -35.39
N PRO A 797 -5.87 -21.29 -35.17
CA PRO A 797 -5.15 -22.55 -35.41
C PRO A 797 -5.74 -23.73 -34.66
N ILE A 798 -6.18 -23.53 -33.43
CA ILE A 798 -6.89 -24.55 -32.67
C ILE A 798 -8.17 -23.91 -32.14
N SER A 799 -9.30 -24.51 -32.49
CA SER A 799 -10.60 -23.92 -32.19
C SER A 799 -11.11 -24.26 -30.79
N GLU A 800 -10.43 -25.16 -30.08
CA GLU A 800 -10.87 -25.52 -28.74
C GLU A 800 -9.87 -25.01 -27.70
N PRO A 801 -10.34 -24.38 -26.64
CA PRO A 801 -9.42 -23.87 -25.62
C PRO A 801 -8.73 -25.02 -24.88
N LEU A 802 -7.49 -24.76 -24.46
CA LEU A 802 -6.66 -25.75 -23.79
C LEU A 802 -6.63 -25.49 -22.29
N GLN A 803 -6.89 -26.52 -21.51
CA GLN A 803 -6.89 -26.41 -20.06
C GLN A 803 -5.50 -26.63 -19.49
N HIS A 804 -5.32 -26.18 -18.25
CA HIS A 804 -4.10 -26.43 -17.46
C HIS A 804 -2.86 -25.88 -18.18
N VAL A 805 -2.83 -24.57 -18.33
CA VAL A 805 -1.72 -23.87 -18.96
C VAL A 805 -1.30 -22.71 -18.06
N GLY A 806 0.00 -22.50 -17.94
CA GLY A 806 0.53 -21.49 -17.04
C GLY A 806 0.84 -20.14 -17.68
N SER A 807 1.65 -20.16 -18.73
CA SER A 807 2.03 -18.93 -19.42
C SER A 807 2.44 -19.28 -20.84
N VAL A 808 2.25 -18.32 -21.73
CA VAL A 808 2.46 -18.52 -23.16
C VAL A 808 3.36 -17.43 -23.70
N THR A 809 4.23 -17.81 -24.64
CA THR A 809 5.15 -16.88 -25.28
C THR A 809 5.33 -17.28 -26.74
N TYR A 810 5.65 -16.29 -27.57
CA TYR A 810 5.87 -16.50 -29.00
C TYR A 810 7.25 -15.99 -29.37
N ASP A 811 7.96 -16.76 -30.20
CA ASP A 811 9.25 -16.36 -30.73
C ASP A 811 9.08 -15.91 -32.18
N TRP A 812 9.44 -14.67 -32.46
CA TRP A 812 9.25 -14.11 -33.79
C TRP A 812 10.18 -14.71 -34.82
N ARG A 813 11.35 -15.19 -34.40
CA ARG A 813 12.32 -15.70 -35.37
C ARG A 813 11.99 -17.14 -35.76
N GLY A 814 11.48 -17.93 -34.83
CA GLY A 814 11.09 -19.28 -35.15
C GLY A 814 9.69 -19.46 -35.68
N GLY A 815 8.81 -18.49 -35.44
CA GLY A 815 7.43 -18.64 -35.85
C GLY A 815 6.68 -19.72 -35.09
N ARG A 816 7.09 -19.99 -33.85
CA ARG A 816 6.45 -20.99 -33.02
C ARG A 816 6.09 -20.36 -31.68
N VAL A 817 5.02 -20.88 -31.06
CA VAL A 817 4.52 -20.36 -29.79
C VAL A 817 4.60 -21.47 -28.75
N TYR A 818 5.18 -21.15 -27.59
CA TYR A 818 5.37 -22.10 -26.51
C TYR A 818 4.46 -21.74 -25.33
N TRP A 819 3.86 -22.76 -24.73
CA TRP A 819 3.08 -22.59 -23.51
C TRP A 819 3.47 -23.67 -22.51
N THR A 820 3.40 -23.32 -21.23
CA THR A 820 3.77 -24.23 -20.16
C THR A 820 2.58 -25.11 -19.82
N ASP A 821 2.75 -26.42 -19.95
CA ASP A 821 1.67 -27.38 -19.71
C ASP A 821 1.88 -27.98 -18.33
N LEU A 822 1.05 -27.55 -17.37
CA LEU A 822 1.17 -28.09 -16.02
C LEU A 822 0.77 -29.55 -15.95
N ALA A 823 -0.17 -29.98 -16.79
CA ALA A 823 -0.58 -31.39 -16.78
C ALA A 823 0.58 -32.30 -17.15
N ARG A 824 1.35 -31.91 -18.17
CA ARG A 824 2.52 -32.68 -18.58
C ARG A 824 3.79 -32.29 -17.86
N ASN A 825 3.77 -31.19 -17.11
CA ASN A 825 4.97 -30.65 -16.44
C ASN A 825 6.10 -30.45 -17.46
N CYS A 826 5.75 -29.96 -18.64
CA CYS A 826 6.72 -29.75 -19.70
C CYS A 826 6.25 -28.59 -20.57
N VAL A 827 6.85 -28.45 -21.74
CA VAL A 827 6.50 -27.41 -22.69
C VAL A 827 6.30 -28.05 -24.05
N VAL A 828 5.51 -27.38 -24.90
CA VAL A 828 5.14 -27.91 -26.21
C VAL A 828 5.39 -26.85 -27.27
N ARG A 829 5.40 -27.29 -28.52
CA ARG A 829 5.57 -26.42 -29.67
C ARG A 829 4.26 -26.35 -30.45
N MET A 830 3.82 -25.13 -30.74
CA MET A 830 2.63 -24.89 -31.54
C MET A 830 2.98 -24.03 -32.74
N ASP A 831 2.49 -24.43 -33.90
CA ASP A 831 2.63 -23.63 -35.12
C ASP A 831 1.27 -23.07 -35.48
N PRO A 832 1.12 -21.75 -35.50
CA PRO A 832 -0.21 -21.17 -35.80
C PRO A 832 -0.76 -21.56 -37.16
N TRP A 833 0.08 -22.05 -38.08
CA TRP A 833 -0.40 -22.45 -39.40
C TRP A 833 -0.74 -23.94 -39.44
N SER A 834 0.23 -24.80 -39.15
CA SER A 834 0.00 -26.24 -39.22
C SER A 834 -0.83 -26.74 -38.04
N GLY A 835 -0.59 -26.19 -36.85
CA GLY A 835 -1.27 -26.68 -35.66
C GLY A 835 -0.66 -27.92 -35.05
N SER A 836 0.49 -28.37 -35.53
CA SER A 836 1.12 -29.57 -35.00
C SER A 836 1.73 -29.30 -33.64
N ARG A 837 1.99 -30.39 -32.91
CA ARG A 837 2.56 -30.33 -31.57
C ARG A 837 3.88 -31.09 -31.54
N GLU A 838 4.92 -30.44 -31.01
CA GLU A 838 6.18 -31.10 -30.73
C GLU A 838 6.60 -30.76 -29.31
N LEU A 839 7.16 -31.74 -28.61
CA LEU A 839 7.49 -31.62 -27.20
C LEU A 839 8.97 -31.33 -27.02
N LEU A 840 9.28 -30.44 -26.07
CA LEU A 840 10.66 -30.12 -25.73
C LEU A 840 10.96 -30.61 -24.33
N PRO A 841 11.99 -31.44 -24.15
CA PRO A 841 12.29 -31.96 -22.81
C PRO A 841 12.78 -30.91 -21.84
N VAL A 842 11.87 -30.07 -21.36
CA VAL A 842 12.13 -29.12 -20.29
C VAL A 842 11.11 -29.39 -19.19
N PHE A 843 11.59 -29.60 -17.97
CA PHE A 843 10.75 -30.15 -16.91
C PHE A 843 10.46 -29.10 -15.85
N GLU A 844 9.26 -29.19 -15.27
CA GLU A 844 8.79 -28.27 -14.24
C GLU A 844 8.82 -26.82 -14.72
N ALA A 845 8.54 -26.61 -16.00
CA ALA A 845 8.61 -25.28 -16.60
C ALA A 845 7.34 -24.52 -16.27
N ASN A 846 7.46 -23.47 -15.46
CA ASN A 846 6.30 -22.67 -15.06
C ASN A 846 6.16 -21.38 -15.84
N PHE A 847 7.24 -20.61 -16.00
CA PHE A 847 7.23 -19.36 -16.74
C PHE A 847 8.30 -19.41 -17.81
N LEU A 848 7.90 -19.15 -19.05
CA LEU A 848 8.77 -19.32 -20.20
C LEU A 848 9.11 -17.98 -20.83
N ALA A 849 10.26 -17.94 -21.50
CA ALA A 849 10.68 -16.80 -22.31
C ALA A 849 11.83 -17.23 -23.19
N LEU A 850 11.77 -16.90 -24.48
CA LEU A 850 12.75 -17.37 -25.44
C LEU A 850 13.58 -16.20 -25.94
N ASP A 851 14.90 -16.37 -25.94
CA ASP A 851 15.79 -15.40 -26.55
C ASP A 851 16.06 -15.84 -27.98
N PRO A 852 15.59 -15.11 -28.99
CA PRO A 852 15.68 -15.60 -30.37
C PRO A 852 17.05 -15.45 -31.00
N ARG A 853 18.00 -14.77 -30.35
CA ARG A 853 19.29 -14.52 -30.97
C ARG A 853 20.10 -15.81 -31.11
N GLN A 854 20.22 -16.59 -30.04
CA GLN A 854 21.03 -17.80 -30.07
C GLN A 854 20.27 -19.08 -29.72
N GLY A 855 18.96 -19.02 -29.53
CA GLY A 855 18.15 -20.21 -29.37
C GLY A 855 18.07 -20.76 -27.97
N HIS A 856 18.79 -20.18 -27.01
CA HIS A 856 18.71 -20.68 -25.65
C HIS A 856 17.32 -20.43 -25.09
N LEU A 857 16.72 -21.48 -24.54
CA LEU A 857 15.39 -21.41 -23.95
C LEU A 857 15.52 -21.21 -22.44
N TYR A 858 14.91 -20.14 -21.95
CA TYR A 858 14.99 -19.78 -20.54
C TYR A 858 13.69 -20.13 -19.85
N TYR A 859 13.76 -21.03 -18.86
CA TYR A 859 12.59 -21.49 -18.14
C TYR A 859 12.75 -21.19 -16.67
N ALA A 860 11.64 -20.88 -16.00
CA ALA A 860 11.64 -20.58 -14.58
C ALA A 860 10.75 -21.59 -13.87
N THR A 861 11.37 -22.52 -13.15
CA THR A 861 10.62 -23.46 -12.34
C THR A 861 10.16 -22.76 -11.05
N SER A 862 9.43 -23.50 -10.22
CA SER A 862 8.92 -22.92 -8.98
C SER A 862 10.01 -22.74 -7.92
N SER A 863 11.15 -23.42 -8.07
CA SER A 863 12.18 -23.37 -7.05
C SER A 863 13.54 -22.98 -7.63
N GLN A 864 13.78 -23.32 -8.89
CA GLN A 864 15.06 -23.09 -9.52
C GLN A 864 14.88 -22.42 -10.87
N LEU A 865 15.87 -21.62 -11.26
CA LEU A 865 15.87 -20.91 -12.53
C LEU A 865 17.08 -21.34 -13.33
N SER A 866 16.89 -21.58 -14.62
CA SER A 866 17.99 -22.07 -15.45
C SER A 866 17.69 -21.75 -16.90
N ARG A 867 18.72 -21.87 -17.73
CA ARG A 867 18.62 -21.69 -19.17
C ARG A 867 18.90 -23.01 -19.86
N HIS A 868 17.96 -23.45 -20.70
CA HIS A 868 18.09 -24.69 -21.44
C HIS A 868 18.54 -24.39 -22.86
N GLY A 869 19.68 -24.96 -23.26
CA GLY A 869 20.22 -24.78 -24.58
C GLY A 869 20.25 -26.07 -25.38
N SER A 870 20.99 -26.02 -26.49
CA SER A 870 21.12 -27.19 -27.35
C SER A 870 22.04 -28.26 -26.75
N THR A 871 22.93 -27.88 -25.85
CA THR A 871 23.87 -28.82 -25.25
C THR A 871 23.72 -28.85 -23.74
N PRO A 872 23.88 -30.02 -23.12
CA PRO A 872 23.76 -30.08 -21.64
C PRO A 872 24.79 -29.23 -20.92
N ASP A 873 25.98 -29.06 -21.47
CA ASP A 873 27.01 -28.26 -20.81
C ASP A 873 26.64 -26.79 -20.74
N GLU A 874 25.76 -26.32 -21.61
CA GLU A 874 25.34 -24.92 -21.61
C GLU A 874 24.27 -24.63 -20.56
N ALA A 875 23.63 -25.65 -20.01
CA ALA A 875 22.55 -25.46 -19.03
C ALA A 875 23.16 -24.96 -17.73
N VAL A 876 23.05 -23.66 -17.48
CA VAL A 876 23.61 -23.02 -16.30
C VAL A 876 22.48 -22.45 -15.47
N THR A 877 22.47 -22.77 -14.17
CA THR A 877 21.46 -22.23 -13.26
C THR A 877 21.89 -20.84 -12.82
N TYR A 878 21.03 -19.85 -13.08
CA TYR A 878 21.38 -18.48 -12.73
C TYR A 878 21.10 -18.16 -11.27
N TYR A 879 20.17 -18.87 -10.65
CA TYR A 879 19.80 -18.61 -9.27
C TYR A 879 18.90 -19.74 -8.78
N ARG A 880 19.08 -20.15 -7.53
CA ARG A 880 18.32 -21.26 -6.96
C ARG A 880 17.86 -20.89 -5.57
N VAL A 881 16.56 -21.04 -5.31
CA VAL A 881 16.02 -20.82 -3.98
C VAL A 881 15.70 -22.17 -3.35
N ASN A 882 15.63 -22.20 -2.03
CA ASN A 882 15.26 -23.40 -1.30
C ASN A 882 13.76 -23.42 -1.07
N GLY A 883 13.27 -24.38 -0.30
CA GLY A 883 11.85 -24.56 -0.08
C GLY A 883 11.23 -23.69 0.99
N LEU A 884 11.99 -22.78 1.60
CA LEU A 884 11.48 -21.96 2.69
C LEU A 884 11.47 -20.47 2.40
N GLU A 885 12.38 -19.96 1.58
CA GLU A 885 12.41 -18.53 1.29
C GLU A 885 11.34 -18.09 0.32
N GLY A 886 10.70 -19.02 -0.40
CA GLY A 886 9.64 -18.67 -1.32
C GLY A 886 9.79 -19.28 -2.70
N SER A 887 9.15 -18.67 -3.70
CA SER A 887 9.13 -19.21 -5.05
C SER A 887 9.26 -18.07 -6.04
N ILE A 888 9.67 -18.43 -7.27
CA ILE A 888 9.78 -17.44 -8.33
C ILE A 888 8.38 -17.03 -8.79
N ALA A 889 8.15 -15.72 -8.85
CA ALA A 889 6.84 -15.20 -9.23
C ALA A 889 6.74 -14.94 -10.74
N SER A 890 7.71 -14.23 -11.29
CA SER A 890 7.72 -13.91 -12.71
C SER A 890 9.13 -13.57 -13.13
N PHE A 891 9.40 -13.64 -14.43
CA PHE A 891 10.71 -13.28 -14.93
C PHE A 891 10.61 -12.84 -16.38
N VAL A 892 11.44 -11.86 -16.74
CA VAL A 892 11.49 -11.32 -18.09
C VAL A 892 12.94 -11.32 -18.54
N LEU A 893 13.15 -11.43 -19.84
CA LEU A 893 14.49 -11.54 -20.41
C LEU A 893 14.81 -10.32 -21.24
N ASP A 894 15.96 -9.71 -20.95
CA ASP A 894 16.47 -8.58 -21.72
C ASP A 894 17.58 -9.07 -22.65
N THR A 895 17.32 -9.01 -23.95
CA THR A 895 18.24 -9.59 -24.92
C THR A 895 19.19 -8.57 -25.54
N GLN A 896 18.82 -7.29 -25.59
CA GLN A 896 19.75 -6.29 -26.11
C GLN A 896 20.84 -5.96 -25.09
N GLN A 897 20.49 -5.93 -23.81
CA GLN A 897 21.44 -5.67 -22.74
C GLN A 897 22.06 -6.94 -22.17
N ASP A 898 21.67 -8.12 -22.67
CA ASP A 898 22.24 -9.39 -22.24
C ASP A 898 22.05 -9.58 -20.73
N GLN A 899 20.82 -9.34 -20.27
CA GLN A 899 20.50 -9.35 -18.85
C GLN A 899 19.29 -10.23 -18.59
N LEU A 900 19.22 -10.79 -17.39
CA LEU A 900 18.08 -11.59 -16.96
C LEU A 900 17.53 -11.00 -15.67
N PHE A 901 16.21 -10.88 -15.58
CA PHE A 901 15.54 -10.36 -14.40
C PHE A 901 14.51 -11.37 -13.94
N TRP A 902 14.23 -11.37 -12.64
CA TRP A 902 13.18 -12.25 -12.12
C TRP A 902 12.68 -11.72 -10.80
N LEU A 903 11.52 -12.24 -10.40
CA LEU A 903 10.88 -11.90 -9.13
C LEU A 903 10.96 -13.10 -8.20
N VAL A 904 11.26 -12.84 -6.93
CA VAL A 904 11.32 -13.88 -5.91
C VAL A 904 10.27 -13.54 -4.85
N LYS A 905 9.17 -14.28 -4.86
CA LYS A 905 8.19 -14.16 -3.80
C LYS A 905 8.80 -14.65 -2.49
N GLY A 906 8.66 -13.86 -1.44
CA GLY A 906 9.24 -14.16 -0.15
C GLY A 906 8.20 -14.41 0.92
N SER A 907 8.67 -14.42 2.16
CA SER A 907 7.77 -14.60 3.30
C SER A 907 6.79 -13.43 3.40
N GLY A 908 7.30 -12.21 3.24
CA GLY A 908 6.45 -11.04 3.33
C GLY A 908 6.82 -9.92 2.38
N ALA A 909 7.76 -10.19 1.46
CA ALA A 909 8.22 -9.17 0.54
C ALA A 909 8.80 -9.82 -0.70
N LEU A 910 8.79 -9.08 -1.80
CA LEU A 910 9.32 -9.53 -3.08
C LEU A 910 10.63 -8.81 -3.37
N ARG A 911 11.66 -9.57 -3.73
CA ARG A 911 12.99 -9.03 -3.97
C ARG A 911 13.34 -9.15 -5.45
N LEU A 912 13.65 -8.03 -6.07
CA LEU A 912 14.09 -8.00 -7.46
C LEU A 912 15.55 -8.44 -7.56
N TYR A 913 15.90 -9.01 -8.71
CA TYR A 913 17.27 -9.46 -8.93
C TYR A 913 17.69 -9.10 -10.35
N ARG A 914 18.92 -9.50 -10.66
CA ARG A 914 19.51 -9.35 -12.00
C ARG A 914 20.58 -10.42 -12.16
N ALA A 915 20.97 -10.72 -13.40
CA ALA A 915 22.06 -11.66 -13.63
C ALA A 915 22.56 -11.55 -15.07
N PRO A 916 23.86 -11.74 -15.35
CA PRO A 916 24.27 -11.63 -16.74
C PRO A 916 24.14 -13.02 -17.35
N LEU A 917 23.78 -13.05 -18.61
CA LEU A 917 23.71 -14.34 -19.28
C LEU A 917 25.09 -14.89 -19.61
N THR A 918 26.10 -14.03 -19.74
CA THR A 918 27.44 -14.48 -20.08
C THR A 918 28.27 -14.86 -18.86
N ALA A 919 27.90 -14.36 -17.68
CA ALA A 919 28.60 -14.68 -16.44
C ALA A 919 27.62 -15.37 -15.51
N GLY A 920 27.78 -16.68 -15.32
CA GLY A 920 26.80 -17.45 -14.56
C GLY A 920 26.77 -17.12 -13.08
N GLY A 921 25.71 -16.45 -12.65
CA GLY A 921 25.52 -16.15 -11.24
C GLY A 921 26.63 -15.32 -10.62
N ASP A 922 27.03 -14.23 -11.27
CA ASP A 922 28.14 -13.42 -10.80
C ASP A 922 27.74 -12.14 -10.10
N SER A 923 26.62 -11.53 -10.46
CA SER A 923 26.20 -10.26 -9.87
C SER A 923 24.73 -10.30 -9.49
N LEU A 924 24.33 -11.33 -8.75
CA LEU A 924 23.01 -11.33 -8.13
C LEU A 924 22.89 -10.12 -7.20
N GLN A 925 21.79 -9.38 -7.34
CA GLN A 925 21.59 -8.17 -6.56
C GLN A 925 20.19 -8.17 -5.96
N MET A 926 20.07 -7.60 -4.77
CA MET A 926 18.77 -7.31 -4.17
C MET A 926 18.42 -5.88 -4.57
N ILE A 927 17.58 -5.74 -5.59
CA ILE A 927 17.29 -4.41 -6.12
C ILE A 927 16.25 -3.70 -5.28
N GLN A 928 15.10 -4.33 -5.07
CA GLN A 928 14.02 -3.71 -4.31
C GLN A 928 13.32 -4.77 -3.47
N GLN A 929 13.28 -4.53 -2.17
CA GLN A 929 12.49 -5.33 -1.22
C GLN A 929 11.30 -4.48 -0.81
N ILE A 930 10.11 -4.85 -1.30
CA ILE A 930 8.92 -4.04 -1.10
C ILE A 930 8.50 -4.12 0.36
N LYS A 931 8.29 -2.97 0.98
CA LYS A 931 7.79 -2.92 2.35
C LYS A 931 6.28 -3.18 2.35
N GLY A 932 5.84 -4.13 3.16
CA GLY A 932 4.45 -4.49 3.22
C GLY A 932 4.15 -5.76 2.43
N VAL A 933 2.98 -6.33 2.71
CA VAL A 933 2.57 -7.60 2.06
C VAL A 933 1.83 -7.20 0.80
N PHE A 934 2.60 -6.97 -0.27
CA PHE A 934 2.07 -6.71 -1.60
C PHE A 934 2.58 -7.79 -2.53
N GLN A 935 1.67 -8.55 -3.12
CA GLN A 935 2.01 -9.69 -3.96
C GLN A 935 1.74 -9.34 -5.42
N ALA A 936 2.73 -9.58 -6.27
CA ALA A 936 2.57 -9.34 -7.69
C ALA A 936 1.93 -10.55 -8.36
N VAL A 937 1.07 -10.27 -9.34
CA VAL A 937 0.42 -11.36 -10.08
C VAL A 937 1.48 -12.16 -10.81
N PRO A 938 1.44 -13.49 -10.78
CA PRO A 938 2.44 -14.28 -11.49
C PRO A 938 2.44 -13.98 -12.99
N ASP A 939 3.64 -13.96 -13.56
CA ASP A 939 3.85 -13.77 -15.00
C ASP A 939 3.51 -12.34 -15.42
N SER A 940 3.00 -11.54 -14.50
CA SER A 940 2.58 -10.19 -14.86
C SER A 940 3.75 -9.24 -15.06
N LEU A 941 4.96 -9.64 -14.71
CA LEU A 941 6.12 -8.76 -14.85
C LEU A 941 6.56 -8.73 -16.31
N GLN A 942 6.47 -7.54 -16.92
CA GLN A 942 6.82 -7.34 -18.31
C GLN A 942 7.79 -6.19 -18.44
N LEU A 943 8.86 -6.41 -19.20
CA LEU A 943 9.87 -5.38 -19.41
C LEU A 943 9.29 -4.20 -20.16
N LEU A 944 9.86 -3.02 -19.91
CA LEU A 944 9.46 -1.78 -20.57
C LEU A 944 10.68 -1.26 -21.34
N ARG A 945 10.80 -1.65 -22.60
CA ARG A 945 11.95 -1.24 -23.38
C ARG A 945 12.01 0.27 -23.63
N PRO A 946 10.92 0.99 -24.07
CA PRO A 946 10.98 2.46 -24.03
C PRO A 946 11.53 3.08 -22.77
N LEU A 947 10.87 2.82 -21.64
CA LEU A 947 11.23 3.45 -20.38
C LEU A 947 12.47 2.84 -19.75
N GLY A 948 12.88 1.64 -20.17
CA GLY A 948 14.02 0.98 -19.54
C GLY A 948 13.76 0.58 -18.11
N ALA A 949 12.60 0.00 -17.83
CA ALA A 949 12.21 -0.34 -16.48
C ALA A 949 11.45 -1.67 -16.49
N LEU A 950 11.05 -2.11 -15.30
CA LEU A 950 10.27 -3.33 -15.13
C LEU A 950 8.88 -2.97 -14.63
N LEU A 951 7.87 -3.64 -15.16
CA LEU A 951 6.48 -3.36 -14.83
C LEU A 951 5.78 -4.64 -14.41
N TRP A 952 5.22 -4.63 -13.21
CA TRP A 952 4.45 -5.76 -12.69
C TRP A 952 3.20 -5.21 -12.02
N LEU A 953 2.17 -6.04 -11.95
CA LEU A 953 0.89 -5.67 -11.38
C LEU A 953 0.72 -6.36 -10.03
N GLU A 954 0.25 -5.60 -9.04
CA GLU A 954 0.04 -6.15 -7.71
C GLU A 954 -1.24 -6.99 -7.68
N ARG A 955 -1.41 -7.73 -6.58
CA ARG A 955 -2.55 -8.64 -6.45
C ARG A 955 -3.87 -7.89 -6.48
N SER A 956 -3.91 -6.70 -5.88
CA SER A 956 -5.15 -5.95 -5.81
C SER A 956 -5.66 -5.60 -7.21
N GLY A 957 -4.75 -5.29 -8.13
CA GLY A 957 -5.15 -4.93 -9.47
C GLY A 957 -5.54 -3.48 -9.65
N ARG A 958 -5.29 -2.63 -8.66
CA ARG A 958 -5.61 -1.21 -8.76
C ARG A 958 -4.39 -0.35 -9.01
N ARG A 959 -3.19 -0.83 -8.70
CA ARG A 959 -1.98 -0.06 -8.87
C ARG A 959 -0.90 -0.93 -9.50
N ALA A 960 0.04 -0.29 -10.18
CA ALA A 960 1.19 -0.95 -10.76
C ALA A 960 2.46 -0.26 -10.30
N ARG A 961 3.54 -1.03 -10.17
CA ARG A 961 4.81 -0.54 -9.65
C ARG A 961 5.87 -0.53 -10.74
N LEU A 962 6.61 0.57 -10.82
CA LEU A 962 7.67 0.74 -11.79
C LEU A 962 9.01 0.84 -11.06
N VAL A 963 9.99 0.06 -11.53
CA VAL A 963 11.34 0.10 -11.01
C VAL A 963 12.28 0.36 -12.19
N ARG A 964 12.99 1.48 -12.15
CA ARG A 964 13.86 1.88 -13.24
C ARG A 964 15.29 1.41 -12.98
N LEU A 965 16.00 1.11 -14.07
CA LEU A 965 17.39 0.67 -13.94
C LEU A 965 18.28 1.78 -13.38
N ALA A 966 18.08 3.02 -13.86
CA ALA A 966 18.94 4.12 -13.42
C ALA A 966 18.71 4.46 -11.96
N ALA A 967 17.46 4.49 -11.52
CA ALA A 967 17.10 4.86 -10.15
C ALA A 967 16.18 3.80 -9.57
N PRO A 968 16.71 2.63 -9.23
CA PRO A 968 15.86 1.55 -8.69
C PRO A 968 15.21 1.89 -7.37
N LEU A 969 15.81 2.76 -6.56
CA LEU A 969 15.35 2.95 -5.19
C LEU A 969 13.97 3.61 -5.11
N ASP A 970 13.45 4.14 -6.21
CA ASP A 970 12.16 4.80 -6.23
C ASP A 970 11.17 3.92 -6.99
N VAL A 971 10.10 3.51 -6.31
CA VAL A 971 9.02 2.75 -6.92
C VAL A 971 7.92 3.73 -7.30
N MET A 972 7.55 3.73 -8.58
CA MET A 972 6.54 4.66 -9.08
C MET A 972 5.18 3.98 -9.13
N GLU A 973 4.18 4.64 -8.55
CA GLU A 973 2.81 4.15 -8.54
C GLU A 973 2.13 4.46 -9.87
N LEU A 974 1.20 3.60 -10.25
CA LEU A 974 0.39 3.80 -11.45
C LEU A 974 -1.02 3.30 -11.16
N PRO A 975 -1.96 4.21 -10.88
CA PRO A 975 -3.32 3.78 -10.57
C PRO A 975 -4.02 3.21 -11.80
N THR A 976 -4.65 2.06 -11.62
CA THR A 976 -5.42 1.44 -12.69
C THR A 976 -6.63 2.32 -13.03
N PRO A 977 -6.93 2.51 -14.31
CA PRO A 977 -8.16 3.23 -14.67
C PRO A 977 -9.39 2.54 -14.11
N ASP A 978 -10.34 3.34 -13.64
CA ASP A 978 -11.53 2.80 -13.01
C ASP A 978 -12.38 2.00 -13.99
N GLN A 979 -12.34 2.35 -15.27
CA GLN A 979 -13.04 1.56 -16.28
C GLN A 979 -12.45 0.17 -16.43
N ALA A 980 -11.20 -0.03 -16.00
CA ALA A 980 -10.55 -1.32 -16.04
C ALA A 980 -10.26 -1.90 -14.66
N SER A 981 -10.43 -1.12 -13.61
CA SER A 981 -10.15 -1.61 -12.26
C SER A 981 -11.19 -2.65 -11.85
N PRO A 982 -10.78 -3.77 -11.26
CA PRO A 982 -9.40 -4.19 -11.01
C PRO A 982 -8.77 -4.80 -12.26
N ALA A 983 -7.46 -4.64 -12.45
CA ALA A 983 -6.78 -5.17 -13.62
C ALA A 983 -6.10 -6.48 -13.28
N SER A 984 -5.98 -7.35 -14.29
CA SER A 984 -5.33 -8.65 -14.12
C SER A 984 -4.07 -8.82 -14.95
N ALA A 985 -3.83 -7.96 -15.94
CA ALA A 985 -2.66 -8.08 -16.78
C ALA A 985 -2.34 -6.73 -17.41
N LEU A 986 -1.04 -6.43 -17.52
CA LEU A 986 -0.59 -5.16 -18.05
C LEU A 986 0.62 -5.40 -18.93
N GLN A 987 0.54 -4.96 -20.18
CA GLN A 987 1.62 -5.10 -21.15
C GLN A 987 1.90 -3.74 -21.77
N LEU A 988 3.09 -3.61 -22.34
CA LEU A 988 3.45 -2.43 -23.11
C LEU A 988 3.64 -2.83 -24.57
N LEU A 989 2.68 -2.44 -25.41
CA LEU A 989 2.76 -2.76 -26.83
C LEU A 989 3.85 -1.93 -27.49
N ASP A 990 4.75 -2.60 -28.19
CA ASP A 990 5.84 -1.90 -28.85
C ASP A 990 5.32 -1.12 -30.05
N PRO A 991 5.58 0.18 -30.13
CA PRO A 991 5.19 0.93 -31.34
C PRO A 991 5.80 0.36 -32.60
N GLN A 992 6.95 -0.31 -32.50
CA GLN A 992 7.52 -1.03 -33.64
C GLN A 992 6.67 -2.26 -33.96
N PRO A 993 6.40 -2.56 -35.24
CA PRO A 993 5.59 -3.71 -35.54
C PRO A 993 6.40 -4.96 -35.20
N LEU A 994 5.69 -6.04 -34.92
CA LEU A 994 6.38 -7.30 -34.72
C LEU A 994 7.08 -7.74 -36.00
N PRO A 995 8.36 -8.10 -35.95
CA PRO A 995 9.05 -8.50 -37.17
C PRO A 995 8.43 -9.75 -37.76
N PRO A 996 8.47 -9.89 -39.08
CA PRO A 996 7.90 -11.09 -39.72
C PRO A 996 8.74 -12.31 -39.44
N ARG A 997 8.12 -13.48 -39.66
CA ARG A 997 8.82 -14.74 -39.50
C ARG A 997 9.95 -14.83 -40.52
N ASP A 998 11.12 -15.28 -40.05
CA ASP A 998 12.32 -15.38 -40.89
C ASP A 998 12.43 -16.81 -41.39
N GLU A 999 12.39 -16.98 -42.72
CA GLU A 999 12.55 -18.28 -43.33
C GLU A 999 14.01 -18.70 -43.47
N GLY A 1000 14.94 -17.77 -43.30
CA GLY A 1000 16.36 -18.05 -43.44
C GLY A 1000 16.87 -19.23 -42.63
N VAL A 1001 16.09 -19.63 -41.64
CA VAL A 1001 16.42 -20.79 -40.81
C VAL A 1001 15.74 -22.02 -41.37
N ILE A 1002 15.00 -22.76 -40.54
CA ILE A 1002 14.20 -23.93 -40.91
C ILE A 1002 15.02 -24.87 -41.81
N PRO A 1003 15.95 -25.62 -41.26
CA PRO A 1003 16.90 -26.35 -42.11
C PRO A 1003 16.23 -27.23 -43.14
N MET A 1004 16.81 -27.25 -44.35
CA MET A 1004 16.22 -27.96 -45.46
C MET A 1004 16.15 -29.46 -45.16
N THR A 1005 15.10 -30.10 -45.66
CA THR A 1005 14.94 -31.53 -45.45
C THR A 1005 16.12 -32.29 -46.03
N VAL A 1006 16.57 -33.31 -45.29
CA VAL A 1006 17.70 -34.11 -45.76
C VAL A 1006 17.27 -34.88 -47.00
N LEU A 1007 18.08 -34.78 -48.04
CA LEU A 1007 17.77 -35.44 -49.30
C LEU A 1007 17.77 -36.95 -49.11
N PRO A 1008 16.71 -37.66 -49.49
CA PRO A 1008 16.68 -39.13 -49.29
C PRO A 1008 17.81 -39.85 -50.00
N ASP A 1009 18.25 -39.34 -51.17
CA ASP A 1009 19.36 -39.95 -51.88
C ASP A 1009 20.71 -39.63 -51.27
N SER A 1010 20.77 -38.65 -50.36
CA SER A 1010 22.02 -38.30 -49.71
C SER A 1010 22.27 -39.09 -48.43
N VAL A 1011 21.28 -39.84 -47.96
CA VAL A 1011 21.44 -40.65 -46.76
C VAL A 1011 22.17 -41.93 -47.15
N ARG A 1012 23.43 -42.04 -46.73
CA ARG A 1012 24.26 -43.18 -47.06
C ARG A 1012 25.02 -43.64 -45.82
N LEU A 1013 25.52 -44.87 -45.89
CA LEU A 1013 26.38 -45.42 -44.84
C LEU A 1013 27.79 -45.48 -45.40
N ASP A 1014 28.69 -44.66 -44.87
CA ASP A 1014 30.04 -44.58 -45.40
C ASP A 1014 30.86 -45.81 -45.02
N ASP A 1015 32.05 -45.91 -45.58
CA ASP A 1015 32.87 -47.10 -45.47
C ASP A 1015 33.32 -47.36 -44.03
N GLY A 1016 32.78 -48.41 -43.43
CA GLY A 1016 33.19 -48.83 -42.10
C GLY A 1016 32.83 -50.28 -41.88
N HIS A 1017 33.39 -50.85 -40.82
CA HIS A 1017 33.10 -52.23 -40.47
C HIS A 1017 31.64 -52.35 -40.09
N TRP A 1018 31.06 -53.53 -40.31
CA TRP A 1018 29.62 -53.73 -40.10
C TRP A 1018 29.22 -53.48 -38.65
N ASP A 1019 30.17 -53.64 -37.73
CA ASP A 1019 29.92 -53.33 -36.32
C ASP A 1019 30.37 -51.93 -35.94
N ASP A 1020 30.99 -51.20 -36.86
CA ASP A 1020 31.39 -49.81 -36.61
C ASP A 1020 31.33 -49.02 -37.91
N PHE A 1021 30.21 -48.35 -38.18
CA PHE A 1021 30.01 -47.62 -39.41
C PHE A 1021 29.27 -46.32 -39.11
N HIS A 1022 29.41 -45.36 -40.02
CA HIS A 1022 28.83 -44.04 -39.87
C HIS A 1022 27.64 -43.90 -40.82
N VAL A 1023 26.48 -43.59 -40.25
CA VAL A 1023 25.30 -43.21 -41.04
C VAL A 1023 25.51 -41.76 -41.46
N ARG A 1024 25.88 -41.55 -42.72
CA ARG A 1024 26.27 -40.23 -43.19
C ARG A 1024 25.27 -39.69 -44.21
N TRP A 1025 24.73 -38.51 -43.93
CA TRP A 1025 23.83 -37.82 -44.83
C TRP A 1025 24.39 -36.43 -45.10
N GLN A 1026 24.04 -35.87 -46.26
CA GLN A 1026 24.50 -34.54 -46.63
C GLN A 1026 24.03 -33.55 -45.57
N PRO A 1027 24.93 -32.72 -45.02
CA PRO A 1027 24.54 -31.79 -43.96
C PRO A 1027 23.42 -30.86 -44.38
N SER A 1028 22.31 -30.88 -43.65
CA SER A 1028 21.19 -30.02 -43.97
C SER A 1028 21.59 -28.56 -43.81
N THR A 1029 21.41 -27.77 -44.86
CA THR A 1029 21.85 -26.39 -44.88
C THR A 1029 20.71 -25.46 -44.50
N SER A 1030 20.93 -24.63 -43.49
CA SER A 1030 20.03 -23.54 -43.14
C SER A 1030 20.53 -22.27 -43.83
N GLY A 1031 19.61 -21.48 -44.34
CA GLY A 1031 19.97 -20.29 -45.08
C GLY A 1031 20.73 -19.26 -44.25
N GLY A 1032 20.73 -19.45 -42.93
CA GLY A 1032 21.47 -18.58 -42.05
C GLY A 1032 22.71 -19.22 -41.47
N ASN A 1033 23.12 -20.34 -42.06
CA ASN A 1033 24.31 -21.08 -41.64
C ASN A 1033 24.27 -21.43 -40.14
N HIS A 1034 23.07 -21.72 -39.64
CA HIS A 1034 22.93 -22.03 -38.22
C HIS A 1034 23.31 -23.48 -37.94
N SER A 1035 23.84 -23.71 -36.74
CA SER A 1035 24.26 -25.05 -36.34
C SER A 1035 23.08 -26.01 -36.33
N VAL A 1036 23.08 -26.96 -37.26
CA VAL A 1036 21.96 -27.88 -37.44
C VAL A 1036 22.23 -29.14 -36.62
N SER A 1037 21.23 -29.59 -35.87
CA SER A 1037 21.29 -30.84 -35.12
C SER A 1037 20.27 -31.81 -35.69
N TYR A 1038 20.60 -33.10 -35.62
CA TYR A 1038 19.77 -34.13 -36.23
C TYR A 1038 19.31 -35.12 -35.18
N ARG A 1039 18.01 -35.41 -35.18
CA ARG A 1039 17.42 -36.43 -34.33
C ARG A 1039 17.12 -37.65 -35.20
N LEU A 1040 17.75 -38.77 -34.86
CA LEU A 1040 17.79 -39.94 -35.73
C LEU A 1040 16.94 -41.06 -35.13
N LEU A 1041 16.07 -41.63 -35.95
CA LEU A 1041 15.25 -42.79 -35.57
C LEU A 1041 15.73 -43.99 -36.38
N LEU A 1042 16.16 -45.04 -35.69
CA LEU A 1042 16.61 -46.26 -36.33
C LEU A 1042 15.69 -47.40 -35.93
N GLU A 1043 15.08 -48.05 -36.91
CA GLU A 1043 14.20 -49.19 -36.69
C GLU A 1043 14.80 -50.42 -37.34
N PHE A 1044 15.09 -51.43 -36.53
CA PHE A 1044 15.59 -52.71 -37.02
C PHE A 1044 14.91 -53.81 -36.23
N GLY A 1045 14.23 -54.72 -36.93
CA GLY A 1045 13.48 -55.76 -36.26
C GLY A 1045 12.41 -55.20 -35.34
N GLN A 1046 12.40 -55.67 -34.09
CA GLN A 1046 11.49 -55.16 -33.09
C GLN A 1046 12.13 -54.15 -32.16
N ARG A 1047 13.37 -53.74 -32.45
CA ARG A 1047 14.12 -52.83 -31.60
C ARG A 1047 14.26 -51.47 -32.26
N LEU A 1048 14.28 -50.42 -31.44
CA LEU A 1048 14.34 -49.05 -31.91
C LEU A 1048 15.49 -48.32 -31.22
N GLN A 1049 16.36 -47.70 -32.02
CA GLN A 1049 17.48 -46.92 -31.52
C GLN A 1049 17.31 -45.48 -31.99
N THR A 1050 17.57 -44.54 -31.08
CA THR A 1050 17.40 -43.12 -31.35
C THR A 1050 18.64 -42.36 -30.90
N LEU A 1051 19.00 -41.33 -31.67
CA LEU A 1051 20.19 -40.54 -31.39
C LEU A 1051 19.93 -39.07 -31.66
N ASP A 1052 20.42 -38.22 -30.76
CA ASP A 1052 20.45 -36.78 -30.96
C ASP A 1052 21.88 -36.39 -31.32
N LEU A 1053 22.06 -35.84 -32.52
CA LEU A 1053 23.38 -35.65 -33.10
C LEU A 1053 23.56 -34.19 -33.51
N SER A 1054 24.73 -33.64 -33.20
CA SER A 1054 25.13 -32.32 -33.70
C SER A 1054 25.96 -32.42 -34.96
N THR A 1055 26.15 -33.62 -35.51
CA THR A 1055 26.97 -33.87 -36.68
C THR A 1055 26.14 -34.53 -37.78
N PRO A 1056 26.52 -34.38 -39.04
CA PRO A 1056 25.76 -35.02 -40.12
C PRO A 1056 26.05 -36.51 -40.25
N PHE A 1057 26.71 -37.10 -39.26
CA PHE A 1057 27.00 -38.52 -39.27
C PHE A 1057 26.69 -39.11 -37.91
N ALA A 1058 26.32 -40.39 -37.90
CA ALA A 1058 26.03 -41.13 -36.67
C ALA A 1058 26.90 -42.37 -36.63
N ARG A 1059 27.76 -42.46 -35.61
CA ARG A 1059 28.59 -43.65 -35.42
C ARG A 1059 27.77 -44.70 -34.68
N LEU A 1060 27.43 -45.78 -35.37
CA LEU A 1060 26.64 -46.87 -34.79
C LEU A 1060 27.58 -47.99 -34.37
N THR A 1061 27.50 -48.36 -33.10
CA THR A 1061 28.34 -49.42 -32.53
C THR A 1061 27.44 -50.47 -31.90
N GLN A 1062 27.97 -51.69 -31.76
CA GLN A 1062 27.30 -52.80 -31.09
C GLN A 1062 26.01 -53.21 -31.80
N LEU A 1063 26.01 -53.14 -33.13
CA LEU A 1063 24.87 -53.67 -33.87
C LEU A 1063 24.90 -55.20 -33.83
N PRO A 1064 23.76 -55.85 -33.58
CA PRO A 1064 23.79 -57.32 -33.38
C PRO A 1064 24.17 -58.11 -34.61
N GLN A 1065 23.88 -57.63 -35.82
CA GLN A 1065 24.12 -58.43 -37.01
C GLN A 1065 24.50 -57.52 -38.17
N ALA A 1066 25.18 -58.08 -39.16
CA ALA A 1066 25.56 -57.34 -40.35
C ALA A 1066 24.46 -57.43 -41.40
N GLN A 1067 24.47 -56.50 -42.35
CA GLN A 1067 23.55 -56.49 -43.48
C GLN A 1067 22.09 -56.42 -43.03
N LEU A 1068 21.84 -55.76 -41.90
CA LEU A 1068 20.48 -55.60 -41.43
C LEU A 1068 19.79 -54.45 -42.16
N GLN A 1069 18.49 -54.62 -42.40
CA GLN A 1069 17.69 -53.57 -43.02
C GLN A 1069 17.33 -52.54 -41.97
N LEU A 1070 17.83 -51.32 -42.14
CA LEU A 1070 17.65 -50.26 -41.16
C LEU A 1070 16.65 -49.23 -41.68
N LYS A 1071 15.56 -49.05 -40.94
CA LYS A 1071 14.61 -47.97 -41.22
C LYS A 1071 15.11 -46.71 -40.54
N ILE A 1072 15.55 -45.74 -41.34
CA ILE A 1072 16.21 -44.54 -40.84
C ILE A 1072 15.29 -43.35 -41.06
N SER A 1073 14.99 -42.64 -39.97
CA SER A 1073 14.23 -41.41 -40.02
C SER A 1073 15.09 -40.28 -39.48
N ILE A 1074 15.34 -39.27 -40.29
CA ILE A 1074 16.19 -38.15 -39.94
C ILE A 1074 15.36 -36.88 -39.93
N THR A 1075 15.38 -36.16 -38.82
CA THR A 1075 14.71 -34.87 -38.72
C THR A 1075 15.74 -33.79 -38.47
N PRO A 1076 16.14 -33.03 -39.48
CA PRO A 1076 17.10 -31.95 -39.25
C PRO A 1076 16.46 -30.83 -38.43
N ARG A 1077 17.12 -30.46 -37.36
CA ARG A 1077 16.62 -29.43 -36.45
C ARG A 1077 17.71 -28.41 -36.19
N THR A 1078 17.31 -27.14 -36.12
CA THR A 1078 18.18 -26.10 -35.61
C THR A 1078 17.74 -25.75 -34.20
N ALA A 1079 18.54 -24.92 -33.53
CA ALA A 1079 18.29 -24.62 -32.12
C ALA A 1079 16.95 -23.91 -31.90
N TRP A 1080 16.25 -23.59 -32.98
CA TRP A 1080 14.95 -22.94 -32.90
C TRP A 1080 13.83 -23.74 -33.55
N ARG A 1081 14.08 -24.35 -34.72
CA ARG A 1081 13.03 -24.98 -35.50
C ARG A 1081 13.46 -26.36 -35.95
N SER A 1082 12.46 -27.18 -36.31
CA SER A 1082 12.70 -28.53 -36.79
C SER A 1082 12.26 -28.64 -38.25
N GLY A 1083 13.03 -29.38 -39.04
CA GLY A 1083 12.72 -29.52 -40.45
C GLY A 1083 11.91 -30.77 -40.75
N ASP A 1084 11.65 -30.95 -42.05
CA ASP A 1084 10.90 -32.12 -42.50
C ASP A 1084 11.71 -33.40 -42.28
N THR A 1085 11.01 -34.47 -41.91
CA THR A 1085 11.66 -35.73 -41.62
C THR A 1085 11.84 -36.55 -42.89
N THR A 1086 13.03 -37.13 -43.06
CA THR A 1086 13.32 -37.99 -44.21
C THR A 1086 13.41 -39.44 -43.75
N ARG A 1087 12.73 -40.32 -44.47
CA ARG A 1087 12.71 -41.75 -44.16
C ARG A 1087 13.39 -42.52 -45.28
N VAL A 1088 14.48 -43.21 -44.93
CA VAL A 1088 15.30 -43.94 -45.90
C VAL A 1088 15.61 -45.32 -45.33
N GLN A 1089 15.61 -46.33 -46.20
CA GLN A 1089 15.97 -47.70 -45.84
C GLN A 1089 17.32 -48.02 -46.47
N LEU A 1090 18.25 -48.51 -45.66
CA LEU A 1090 19.61 -48.79 -46.11
C LEU A 1090 20.11 -50.10 -45.53
N THR A 1091 21.16 -50.64 -46.15
CA THR A 1091 21.81 -51.87 -45.72
C THR A 1091 23.28 -51.58 -45.47
N THR A 1092 23.85 -52.22 -44.45
CA THR A 1092 25.20 -51.90 -44.02
C THR A 1092 26.20 -52.30 -45.10
N PRO A 1093 27.05 -51.37 -45.56
CA PRO A 1093 28.06 -51.71 -46.56
C PRO A 1093 29.37 -52.08 -45.89
N PRO A 1094 30.36 -52.55 -46.66
CA PRO A 1094 31.67 -52.82 -46.03
C PRO A 1094 32.54 -51.56 -45.96
#